data_5D7Q
#
_entry.id   5D7Q
#
_cell.length_a   77.340
_cell.length_b   78.170
_cell.length_c   114.680
_cell.angle_alpha   90.00
_cell.angle_beta   90.00
_cell.angle_gamma   90.00
#
_symmetry.space_group_name_H-M   'P 21 21 21'
#
loop_
_entity.id
_entity.type
_entity.pdbx_description
1 polymer 'NAD-dependent protein deacetylase sirtuin-2'
2 non-polymer 'ZINC ION'
3 non-polymer '[(2R,3S,4R,5R)-5-(6-AMINOPURIN-9-YL)-3,4-DIHYDROXY-OXOLAN-2-YL]METHYL [HYDROXY-[[(2R,3S,4R,5S)-3,4,5-TRIHYDROXYOXOLAN-2-YL]METHOXY]PHOSPHORYL] HYDROGEN PHOSPHATE'
4 non-polymer (6S)-2-chloro-5,6,7,8,9,10-hexahydrocyclohepta[b]indole-6-carboxamide
5 water water
#
_entity_poly.entity_id   1
_entity_poly.type   'polypeptide(L)'
_entity_poly.pdbx_seq_one_letter_code
;GHMERLLDELTLEGVARYMQSERCRRVICLVGAGISTSAGIPDFRSPSTGLYDNLEKYHLPYPEAIFEISYFKKHPEPFF
ALAKELYPGQFKPTICHYFMRLLKDKGLLLRCYTQNIDTLERIAGLEQEDLVEAHGTFYTSHCVSASCRHEYPLSWMKEK
IFSEVTPKCEDCQSLVKPDIVFFGESLPARFFSCMQSDFLKVDLLLVMGTSLQVQPFASLISKAPLSTPRLLINKEKAGQ
SDPFLGMIMGLGGGMDFDSKKAYRDVAWLGECDQGCLALAELLGWKKELEDLVRREHASIDAQS
;
_entity_poly.pdbx_strand_id   A,B
#
loop_
_chem_comp.id
_chem_comp.type
_chem_comp.name
_chem_comp.formula
4I5 non-polymer (6S)-2-chloro-5,6,7,8,9,10-hexahydrocyclohepta[b]indole-6-carboxamide 'C14 H15 Cl N2 O'
AR6 non-polymer '[(2R,3S,4R,5R)-5-(6-AMINOPURIN-9-YL)-3,4-DIHYDROXY-OXOLAN-2-YL]METHYL [HYDROXY-[[(2R,3S,4R,5S)-3,4,5-TRIHYDROXYOXOLAN-2-YL]METHOXY]PHOSPHORYL] HYDROGEN PHOSPHATE' 'C15 H23 N5 O14 P2'
ZN non-polymer 'ZINC ION' 'Zn 2'
#
# COMPACT_ATOMS: atom_id res chain seq x y z
N HIS A 2 -2.57 9.84 27.79
CA HIS A 2 -1.55 10.93 27.83
C HIS A 2 -0.83 11.05 26.49
N MET A 3 -1.08 12.16 25.80
CA MET A 3 -0.28 12.50 24.63
C MET A 3 0.73 13.56 25.04
N GLU A 4 2.01 13.20 24.93
CA GLU A 4 3.11 14.13 25.15
C GLU A 4 3.18 15.16 24.00
N ARG A 5 3.22 16.43 24.38
CA ARG A 5 3.21 17.55 23.44
C ARG A 5 4.61 18.17 23.40
N LEU A 6 5.41 17.73 22.43
CA LEU A 6 6.84 18.02 22.44
C LEU A 6 7.24 19.28 21.68
N LEU A 7 6.47 19.64 20.67
CA LEU A 7 6.67 20.92 19.97
C LEU A 7 5.82 22.04 20.57
N ASP A 8 6.46 23.15 20.89
CA ASP A 8 5.74 24.28 21.49
C ASP A 8 4.95 25.06 20.44
N GLU A 9 5.31 24.87 19.17
CA GLU A 9 4.46 25.29 18.05
C GLU A 9 4.83 24.51 16.79
N LEU A 10 3.92 24.50 15.84
CA LEU A 10 4.07 23.67 14.64
C LEU A 10 4.70 24.46 13.52
N THR A 11 5.98 24.77 13.71
CA THR A 11 6.73 25.57 12.75
C THR A 11 8.17 25.07 12.76
N LEU A 12 8.94 25.54 11.80
CA LEU A 12 10.36 25.23 11.74
C LEU A 12 11.07 25.73 13.01
N GLU A 13 10.64 26.90 13.50
CA GLU A 13 11.16 27.51 14.74
C GLU A 13 10.82 26.65 15.96
N GLY A 14 9.63 26.07 15.96
CA GLY A 14 9.24 25.14 17.05
C GLY A 14 10.11 23.89 17.06
N VAL A 15 10.36 23.34 15.86
CA VAL A 15 11.24 22.19 15.68
C VAL A 15 12.67 22.49 16.14
N ALA A 16 13.25 23.59 15.66
CA ALA A 16 14.60 24.01 16.05
C ALA A 16 14.79 24.12 17.57
N ARG A 17 13.84 24.72 18.25
CA ARG A 17 13.93 24.79 19.71
C ARG A 17 13.88 23.39 20.34
N TYR A 18 13.06 22.51 19.78
CA TYR A 18 13.00 21.13 20.23
C TYR A 18 14.35 20.45 20.05
N MET A 19 14.96 20.66 18.89
CA MET A 19 16.26 20.04 18.60
C MET A 19 17.35 20.46 19.59
N GLN A 20 17.32 21.71 20.04
CA GLN A 20 18.34 22.22 20.98
C GLN A 20 18.12 21.73 22.40
N SER A 21 16.87 21.40 22.74
CA SER A 21 16.57 20.82 24.04
C SER A 21 17.22 19.45 24.24
N GLU A 22 17.30 19.09 25.52
CA GLU A 22 17.85 17.82 25.95
C GLU A 22 16.95 16.65 25.56
N ARG A 23 15.69 16.94 25.28
CA ARG A 23 14.74 15.92 25.00
C ARG A 23 14.97 15.28 23.62
N CYS A 24 15.58 16.04 22.71
CA CYS A 24 15.85 15.59 21.36
C CYS A 24 17.27 15.04 21.24
N ARG A 25 17.41 13.74 21.39
CA ARG A 25 18.72 13.08 21.36
C ARG A 25 19.01 12.34 20.04
N ARG A 26 17.99 11.77 19.42
CA ARG A 26 18.15 10.82 18.34
C ARG A 26 17.23 11.17 17.18
N VAL A 27 17.81 11.50 16.05
CA VAL A 27 17.06 11.91 14.86
C VAL A 27 17.21 10.84 13.79
N ILE A 28 16.08 10.51 13.14
CA ILE A 28 16.10 9.70 11.92
C ILE A 28 15.73 10.60 10.75
N CYS A 29 16.59 10.60 9.73
CA CYS A 29 16.26 11.22 8.45
C CYS A 29 15.65 10.17 7.53
N LEU A 30 14.51 10.52 6.93
CA LEU A 30 13.92 9.73 5.87
C LEU A 30 14.00 10.55 4.59
N VAL A 31 14.69 10.04 3.56
CA VAL A 31 14.97 10.85 2.38
C VAL A 31 14.70 10.11 1.08
N GLY A 32 14.41 10.91 0.04
CA GLY A 32 14.22 10.39 -1.29
C GLY A 32 14.85 11.26 -2.35
N ALA A 33 14.36 11.14 -3.57
CA ALA A 33 15.07 11.64 -4.74
C ALA A 33 15.04 13.15 -4.83
N GLY A 34 14.17 13.77 -4.05
CA GLY A 34 14.12 15.23 -3.96
C GLY A 34 15.35 15.88 -3.35
N ILE A 35 16.09 15.17 -2.51
CA ILE A 35 17.31 15.71 -1.91
C ILE A 35 18.50 15.73 -2.88
N SER A 36 18.39 15.07 -4.02
CA SER A 36 19.45 15.05 -5.03
C SER A 36 19.15 15.82 -6.33
N THR A 37 17.93 16.34 -6.49
CA THR A 37 17.58 17.11 -7.71
C THR A 37 18.42 18.37 -7.90
N SER A 38 18.73 19.08 -6.83
CA SER A 38 19.56 20.28 -6.91
C SER A 38 21.02 20.00 -7.30
N ALA A 39 21.41 18.73 -7.28
CA ALA A 39 22.72 18.31 -7.77
C ALA A 39 22.73 17.91 -9.25
N GLY A 40 21.57 17.87 -9.89
CA GLY A 40 21.44 17.46 -11.30
C GLY A 40 20.77 16.12 -11.57
N ILE A 41 20.39 15.40 -10.51
CA ILE A 41 19.77 14.09 -10.67
C ILE A 41 18.25 14.25 -10.70
N PRO A 42 17.58 13.72 -11.73
CA PRO A 42 16.12 13.86 -11.72
C PRO A 42 15.47 13.03 -10.60
N ASP A 43 14.32 13.49 -10.12
CA ASP A 43 13.48 12.68 -9.27
C ASP A 43 12.57 11.79 -10.14
N PHE A 44 11.56 11.18 -9.51
CA PHE A 44 10.67 10.25 -10.22
C PHE A 44 9.36 10.88 -10.65
N ARG A 45 8.69 11.54 -9.71
CA ARG A 45 7.27 11.86 -9.89
C ARG A 45 6.95 13.34 -10.00
N SER A 46 7.95 14.20 -10.10
CA SER A 46 7.68 15.58 -10.50
C SER A 46 7.09 15.55 -11.91
N PRO A 47 5.95 16.23 -12.09
CA PRO A 47 5.36 16.36 -13.41
C PRO A 47 6.37 16.93 -14.42
N SER A 48 6.40 16.32 -15.60
CA SER A 48 7.26 16.73 -16.72
C SER A 48 8.77 16.53 -16.52
N THR A 49 9.31 16.95 -15.38
CA THR A 49 10.75 16.83 -15.13
C THR A 49 11.16 15.48 -14.56
N GLY A 50 10.27 14.82 -13.82
CA GLY A 50 10.59 13.53 -13.22
C GLY A 50 10.86 12.44 -14.25
N LEU A 51 11.66 11.45 -13.86
CA LEU A 51 12.04 10.35 -14.75
C LEU A 51 10.84 9.61 -15.36
N TYR A 52 9.80 9.38 -14.57
CA TYR A 52 8.61 8.67 -15.07
C TYR A 52 7.83 9.40 -16.16
N ASP A 53 8.05 10.69 -16.33
CA ASP A 53 7.47 11.46 -17.46
C ASP A 53 8.45 11.61 -18.62
N ASN A 54 9.56 10.87 -18.57
CA ASN A 54 10.64 11.00 -19.56
C ASN A 54 11.19 9.66 -20.07
N LEU A 55 10.30 8.68 -20.22
CA LEU A 55 10.68 7.36 -20.72
C LEU A 55 9.93 6.99 -21.98
N GLU A 56 9.46 7.99 -22.72
CA GLU A 56 8.68 7.78 -23.95
C GLU A 56 9.37 6.83 -24.95
N LYS A 57 10.69 6.97 -25.08
CA LYS A 57 11.47 6.24 -26.08
C LYS A 57 11.52 4.73 -25.85
N TYR A 58 11.28 4.29 -24.61
CA TYR A 58 11.33 2.86 -24.29
C TYR A 58 10.02 2.11 -24.54
N HIS A 59 8.95 2.85 -24.86
CA HIS A 59 7.65 2.25 -25.19
C HIS A 59 7.16 1.26 -24.14
N LEU A 60 7.22 1.67 -22.88
CA LEU A 60 6.84 0.81 -21.75
C LEU A 60 5.32 0.78 -21.60
N PRO A 61 4.78 -0.33 -21.07
CA PRO A 61 3.32 -0.35 -20.84
C PRO A 61 2.89 0.70 -19.80
N TYR A 62 3.77 1.01 -18.86
CA TYR A 62 3.60 2.13 -17.94
C TYR A 62 5.01 2.46 -17.43
N PRO A 63 5.24 3.67 -16.90
CA PRO A 63 6.61 4.07 -16.59
C PRO A 63 7.33 3.18 -15.58
N GLU A 64 6.60 2.72 -14.56
CA GLU A 64 7.21 1.94 -13.48
C GLU A 64 7.78 0.59 -13.96
N ALA A 65 7.41 0.18 -15.16
CA ALA A 65 7.88 -1.09 -15.73
C ALA A 65 9.39 -1.19 -15.82
N ILE A 66 10.05 -0.06 -16.05
CA ILE A 66 11.50 -0.04 -16.20
C ILE A 66 12.26 -0.46 -14.93
N PHE A 67 11.64 -0.28 -13.76
CA PHE A 67 12.20 -0.73 -12.49
C PHE A 67 11.24 -1.69 -11.81
N GLU A 68 10.78 -2.67 -12.57
CA GLU A 68 9.84 -3.67 -12.10
C GLU A 68 10.36 -5.06 -12.44
N ILE A 69 10.38 -5.95 -11.45
CA ILE A 69 11.10 -7.20 -11.62
C ILE A 69 10.46 -8.15 -12.66
N SER A 70 9.13 -8.17 -12.77
CA SER A 70 8.48 -9.10 -13.71
C SER A 70 8.57 -8.60 -15.14
N TYR A 71 8.44 -7.29 -15.35
CA TYR A 71 8.70 -6.72 -16.65
C TYR A 71 10.16 -6.93 -17.04
N PHE A 72 11.09 -6.65 -16.13
CA PHE A 72 12.52 -6.81 -16.37
C PHE A 72 12.87 -8.19 -16.94
N LYS A 73 12.32 -9.23 -16.29
CA LYS A 73 12.59 -10.59 -16.69
C LYS A 73 12.09 -10.92 -18.09
N LYS A 74 11.02 -10.25 -18.54
CA LYS A 74 10.51 -10.40 -19.91
C LYS A 74 11.26 -9.52 -20.93
N HIS A 75 11.66 -8.32 -20.49
CA HIS A 75 12.22 -7.31 -21.39
C HIS A 75 13.31 -6.51 -20.67
N PRO A 76 14.51 -7.08 -20.52
CA PRO A 76 15.58 -6.44 -19.75
C PRO A 76 16.25 -5.22 -20.39
N GLU A 77 16.05 -5.05 -21.70
CA GLU A 77 16.82 -4.08 -22.50
C GLU A 77 16.57 -2.62 -22.17
N PRO A 78 15.30 -2.26 -21.95
CA PRO A 78 15.07 -0.87 -21.57
C PRO A 78 15.78 -0.46 -20.28
N PHE A 79 15.83 -1.35 -19.29
CA PHE A 79 16.57 -1.01 -18.06
C PHE A 79 18.07 -0.75 -18.30
N PHE A 80 18.72 -1.65 -19.05
CA PHE A 80 20.15 -1.54 -19.29
C PHE A 80 20.49 -0.36 -20.23
N ALA A 81 19.58 -0.04 -21.15
CA ALA A 81 19.71 1.16 -21.96
C ALA A 81 19.67 2.43 -21.08
N LEU A 82 18.71 2.50 -20.18
CA LEU A 82 18.63 3.65 -19.26
C LEU A 82 19.87 3.74 -18.35
N ALA A 83 20.31 2.60 -17.83
CA ALA A 83 21.48 2.60 -16.95
C ALA A 83 22.72 3.14 -17.67
N LYS A 84 22.88 2.77 -18.93
CA LYS A 84 24.01 3.25 -19.72
C LYS A 84 23.98 4.77 -19.90
N GLU A 85 22.78 5.33 -20.02
CA GLU A 85 22.59 6.78 -20.07
C GLU A 85 22.90 7.49 -18.76
N LEU A 86 22.30 7.03 -17.67
CA LEU A 86 22.34 7.73 -16.39
C LEU A 86 23.57 7.46 -15.52
N TYR A 87 24.23 6.32 -15.71
CA TYR A 87 25.37 5.95 -14.86
C TYR A 87 26.59 6.91 -14.94
N PRO A 88 27.00 7.31 -16.16
CA PRO A 88 28.16 8.21 -16.33
C PRO A 88 28.14 9.47 -15.47
N GLY A 89 26.97 10.09 -15.32
CA GLY A 89 26.83 11.38 -14.65
C GLY A 89 27.60 11.52 -13.34
N GLN A 90 28.43 12.56 -13.27
CA GLN A 90 29.16 12.88 -12.03
C GLN A 90 28.43 13.98 -11.28
N PHE A 91 28.01 13.67 -10.05
CA PHE A 91 27.26 14.59 -9.21
C PHE A 91 27.92 14.73 -7.85
N LYS A 92 27.71 15.86 -7.21
CA LYS A 92 28.23 16.12 -5.88
C LYS A 92 27.10 16.19 -4.89
N PRO A 93 27.39 15.91 -3.61
CA PRO A 93 26.33 16.07 -2.63
C PRO A 93 25.83 17.51 -2.52
N THR A 94 24.63 17.65 -1.97
CA THR A 94 23.95 18.92 -1.81
C THR A 94 24.05 19.41 -0.38
N ILE A 95 23.60 20.64 -0.19
CA ILE A 95 23.50 21.24 1.13
C ILE A 95 22.70 20.35 2.08
N CYS A 96 21.62 19.76 1.59
CA CYS A 96 20.83 18.80 2.38
C CYS A 96 21.64 17.60 2.86
N HIS A 97 22.47 17.02 1.98
CA HIS A 97 23.35 15.90 2.34
C HIS A 97 24.35 16.31 3.43
N TYR A 98 24.93 17.51 3.31
CA TYR A 98 25.88 17.99 4.32
C TYR A 98 25.19 18.36 5.63
N PHE A 99 23.92 18.74 5.57
CA PHE A 99 23.16 18.98 6.80
C PHE A 99 23.07 17.68 7.64
N MET A 100 22.85 16.56 6.95
CA MET A 100 22.83 15.26 7.59
C MET A 100 24.19 14.88 8.19
N ARG A 101 25.27 15.22 7.49
CA ARG A 101 26.61 15.12 8.04
C ARG A 101 26.76 15.91 9.34
N LEU A 102 26.22 17.12 9.37
CA LEU A 102 26.23 17.94 10.60
C LEU A 102 25.51 17.24 11.74
N LEU A 103 24.39 16.58 11.44
CA LEU A 103 23.69 15.81 12.46
C LEU A 103 24.57 14.69 12.99
N LYS A 104 25.18 13.93 12.07
CA LYS A 104 26.10 12.88 12.44
C LYS A 104 27.18 13.40 13.39
N ASP A 105 27.85 14.48 12.98
CA ASP A 105 29.01 15.00 13.72
C ASP A 105 28.60 15.69 15.02
N LYS A 106 27.32 16.01 15.16
CA LYS A 106 26.81 16.58 16.41
C LYS A 106 26.18 15.53 17.33
N GLY A 107 26.32 14.26 16.96
CA GLY A 107 25.88 13.14 17.80
C GLY A 107 24.37 12.98 17.79
N LEU A 108 23.73 13.52 16.77
CA LEU A 108 22.27 13.58 16.71
C LEU A 108 21.68 12.57 15.75
N LEU A 109 22.50 12.03 14.84
CA LEU A 109 22.00 11.14 13.81
C LEU A 109 21.97 9.70 14.26
N LEU A 110 20.77 9.17 14.48
CA LEU A 110 20.61 7.74 14.75
C LEU A 110 20.74 6.95 13.43
N ARG A 111 20.09 7.43 12.38
CA ARG A 111 20.12 6.76 11.10
C ARG A 111 19.54 7.66 10.00
N CYS A 112 20.11 7.54 8.82
CA CYS A 112 19.48 8.06 7.61
C CYS A 112 19.01 6.89 6.76
N TYR A 113 17.69 6.83 6.54
CA TYR A 113 17.11 5.86 5.65
C TYR A 113 16.88 6.57 4.33
N THR A 114 17.51 6.06 3.27
CA THR A 114 17.42 6.67 1.94
C THR A 114 16.84 5.70 0.93
N GLN A 115 16.02 6.25 0.04
CA GLN A 115 15.45 5.51 -1.08
C GLN A 115 16.29 5.70 -2.33
N ASN A 116 17.37 6.46 -2.22
CA ASN A 116 18.25 6.75 -3.34
C ASN A 116 19.40 5.74 -3.49
N ILE A 117 19.89 5.60 -4.72
CA ILE A 117 21.00 4.70 -5.03
C ILE A 117 22.24 5.51 -5.46
N ASP A 118 22.13 6.84 -5.40
CA ASP A 118 23.22 7.71 -5.88
C ASP A 118 24.45 7.76 -4.98
N THR A 119 24.34 7.26 -3.76
CA THR A 119 25.45 7.16 -2.79
C THR A 119 25.90 8.51 -2.23
N LEU A 120 25.14 9.57 -2.48
CA LEU A 120 25.56 10.91 -2.10
C LEU A 120 25.60 11.11 -0.58
N GLU A 121 24.89 10.27 0.16
CA GLU A 121 24.97 10.30 1.62
C GLU A 121 26.38 9.84 2.05
N ARG A 122 26.89 8.79 1.42
CA ARG A 122 28.25 8.31 1.67
C ARG A 122 29.30 9.34 1.24
N ILE A 123 29.13 9.85 0.03
CA ILE A 123 30.05 10.83 -0.52
C ILE A 123 30.10 12.07 0.39
N ALA A 124 28.97 12.42 1.02
CA ALA A 124 28.90 13.55 1.96
C ALA A 124 29.51 13.28 3.34
N GLY A 125 29.88 12.03 3.62
CA GLY A 125 30.60 11.71 4.88
C GLY A 125 29.85 10.82 5.86
N LEU A 126 28.62 10.46 5.55
CA LEU A 126 27.93 9.45 6.37
C LEU A 126 28.61 8.10 6.13
N GLU A 127 28.74 7.32 7.19
CA GLU A 127 29.37 6.00 7.09
C GLU A 127 28.31 4.92 6.95
N GLN A 128 28.74 3.75 6.46
CA GLN A 128 27.83 2.61 6.27
C GLN A 128 26.87 2.43 7.43
N GLU A 129 27.40 2.45 8.65
CA GLU A 129 26.55 2.16 9.82
C GLU A 129 25.49 3.24 10.09
N ASP A 130 25.74 4.47 9.64
CA ASP A 130 24.77 5.58 9.73
C ASP A 130 23.61 5.43 8.78
N LEU A 131 23.73 4.52 7.81
CA LEU A 131 22.88 4.50 6.65
C LEU A 131 22.07 3.22 6.50
N VAL A 132 20.82 3.37 6.10
CA VAL A 132 20.06 2.26 5.56
C VAL A 132 19.71 2.63 4.13
N GLU A 133 20.29 1.91 3.18
CA GLU A 133 20.00 2.13 1.77
C GLU A 133 18.84 1.20 1.42
N ALA A 134 17.64 1.72 1.70
CA ALA A 134 16.42 0.94 1.73
C ALA A 134 16.11 0.33 0.38
N HIS A 135 16.47 1.04 -0.69
CA HIS A 135 16.21 0.56 -2.07
C HIS A 135 17.48 0.08 -2.79
N GLY A 136 18.45 -0.38 -2.01
CA GLY A 136 19.57 -1.11 -2.57
C GLY A 136 20.75 -0.29 -3.03
N THR A 137 21.69 -1.00 -3.64
CA THR A 137 22.95 -0.42 -4.09
C THR A 137 23.27 -0.98 -5.46
N PHE A 138 23.90 -0.16 -6.30
CA PHE A 138 24.39 -0.66 -7.60
CA PHE A 138 24.42 -0.58 -7.61
C PHE A 138 25.80 -1.25 -7.48
N TYR A 139 26.40 -1.15 -6.30
CA TYR A 139 27.77 -1.65 -6.07
C TYR A 139 27.94 -3.14 -6.29
N THR A 140 26.95 -3.92 -5.87
CA THR A 140 26.96 -5.35 -6.12
C THR A 140 25.78 -5.75 -7.04
N SER A 141 25.93 -6.90 -7.70
CA SER A 141 24.90 -7.42 -8.60
C SER A 141 24.61 -8.90 -8.30
N HIS A 142 23.42 -9.35 -8.68
CA HIS A 142 23.05 -10.76 -8.50
C HIS A 142 22.25 -11.34 -9.66
N CYS A 143 22.56 -12.58 -9.99
CA CYS A 143 21.65 -13.42 -10.76
C CYS A 143 20.25 -13.37 -10.13
N VAL A 144 19.23 -13.25 -10.96
CA VAL A 144 17.85 -13.15 -10.47
C VAL A 144 17.25 -14.52 -10.09
N SER A 145 17.87 -15.60 -10.54
CA SER A 145 17.38 -16.95 -10.23
C SER A 145 17.60 -17.24 -8.75
N ALA A 146 16.50 -17.47 -8.04
CA ALA A 146 16.54 -17.69 -6.58
C ALA A 146 17.35 -18.93 -6.18
N SER A 147 17.36 -19.95 -7.04
CA SER A 147 18.12 -21.17 -6.76
C SER A 147 19.62 -21.03 -7.04
N CYS A 148 20.01 -19.95 -7.73
CA CYS A 148 21.43 -19.69 -8.03
C CYS A 148 21.97 -18.48 -7.24
N ARG A 149 21.50 -17.28 -7.58
CA ARG A 149 21.93 -16.05 -6.91
C ARG A 149 23.44 -15.80 -6.92
N HIS A 150 24.11 -16.14 -8.01
CA HIS A 150 25.54 -15.87 -8.14
C HIS A 150 25.79 -14.37 -8.03
N GLU A 151 26.73 -13.97 -7.18
CA GLU A 151 27.05 -12.56 -7.01
C GLU A 151 28.09 -12.11 -8.04
N TYR A 152 27.97 -10.87 -8.51
CA TYR A 152 28.95 -10.26 -9.40
C TYR A 152 29.31 -8.84 -8.94
N PRO A 153 30.56 -8.41 -9.19
CA PRO A 153 31.01 -7.10 -8.75
C PRO A 153 30.62 -6.01 -9.76
N LEU A 154 30.85 -4.75 -9.38
CA LEU A 154 30.50 -3.62 -10.23
C LEU A 154 31.24 -3.62 -11.56
N SER A 155 32.52 -3.97 -11.53
CA SER A 155 33.34 -4.00 -12.75
C SER A 155 32.77 -4.97 -13.80
N TRP A 156 32.25 -6.10 -13.33
CA TRP A 156 31.59 -7.06 -14.20
C TRP A 156 30.35 -6.41 -14.83
N MET A 157 29.48 -5.85 -13.99
CA MET A 157 28.24 -5.20 -14.47
C MET A 157 28.52 -4.04 -15.43
N LYS A 158 29.44 -3.16 -15.06
CA LYS A 158 29.81 -2.02 -15.91
C LYS A 158 30.29 -2.50 -17.29
N GLU A 159 31.20 -3.47 -17.29
CA GLU A 159 31.69 -4.05 -18.52
C GLU A 159 30.55 -4.52 -19.42
N LYS A 160 29.55 -5.21 -18.85
CA LYS A 160 28.41 -5.68 -19.64
C LYS A 160 27.59 -4.53 -20.22
N ILE A 161 27.28 -3.55 -19.39
CA ILE A 161 26.43 -2.43 -19.79
C ILE A 161 27.10 -1.63 -20.91
N PHE A 162 28.38 -1.27 -20.70
CA PHE A 162 29.13 -0.45 -21.65
C PHE A 162 29.68 -1.22 -22.85
N SER A 163 29.51 -2.54 -22.86
CA SER A 163 29.69 -3.34 -24.07
C SER A 163 28.34 -3.63 -24.78
N GLU A 164 27.27 -2.98 -24.32
CA GLU A 164 25.90 -3.23 -24.79
C GLU A 164 25.51 -4.72 -24.81
N VAL A 165 26.02 -5.47 -23.83
CA VAL A 165 25.67 -6.88 -23.64
C VAL A 165 24.72 -6.99 -22.45
N THR A 166 23.59 -7.68 -22.66
CA THR A 166 22.63 -7.94 -21.59
C THR A 166 23.27 -8.96 -20.65
N PRO A 167 23.54 -8.57 -19.40
CA PRO A 167 24.28 -9.43 -18.49
C PRO A 167 23.53 -10.72 -18.17
N LYS A 168 24.23 -11.83 -18.32
CA LYS A 168 23.69 -13.14 -18.02
C LYS A 168 24.61 -13.84 -17.03
N CYS A 169 24.02 -14.66 -16.17
CA CYS A 169 24.76 -15.43 -15.21
C CYS A 169 25.60 -16.49 -15.92
N GLU A 170 26.85 -16.64 -15.49
CA GLU A 170 27.76 -17.61 -16.09
C GLU A 170 27.49 -19.05 -15.62
N ASP A 171 26.72 -19.20 -14.55
CA ASP A 171 26.34 -20.50 -14.03
C ASP A 171 25.00 -21.01 -14.57
N CYS A 172 23.98 -20.16 -14.57
CA CYS A 172 22.64 -20.58 -15.00
C CYS A 172 22.08 -19.84 -16.21
N GLN A 173 22.85 -18.90 -16.78
CA GLN A 173 22.39 -18.09 -17.93
C GLN A 173 21.16 -17.17 -17.69
N SER A 174 20.72 -17.03 -16.44
CA SER A 174 19.61 -16.11 -16.14
C SER A 174 20.13 -14.68 -16.08
N LEU A 175 19.22 -13.73 -16.17
CA LEU A 175 19.60 -12.33 -16.13
C LEU A 175 20.29 -12.01 -14.82
N VAL A 176 21.21 -11.06 -14.89
CA VAL A 176 21.91 -10.51 -13.75
C VAL A 176 21.55 -9.04 -13.66
N LYS A 177 21.32 -8.55 -12.46
CA LYS A 177 21.01 -7.12 -12.27
C LYS A 177 21.71 -6.54 -11.04
N PRO A 178 21.92 -5.21 -11.02
CA PRO A 178 22.41 -4.59 -9.80
C PRO A 178 21.42 -4.73 -8.66
N ASP A 179 21.94 -4.75 -7.43
CA ASP A 179 21.11 -4.89 -6.24
C ASP A 179 20.36 -3.61 -5.90
N ILE A 180 19.84 -2.93 -6.92
CA ILE A 180 18.93 -1.81 -6.71
C ILE A 180 17.52 -2.43 -6.73
N VAL A 181 16.67 -1.97 -5.83
CA VAL A 181 15.42 -2.65 -5.55
C VAL A 181 14.33 -2.21 -6.53
N PHE A 182 13.88 -3.16 -7.35
CA PHE A 182 12.76 -3.01 -8.29
C PHE A 182 11.41 -3.33 -7.60
N PHE A 183 10.31 -2.79 -8.14
CA PHE A 183 8.96 -3.15 -7.72
C PHE A 183 8.84 -4.65 -7.77
N GLY A 184 8.33 -5.23 -6.68
CA GLY A 184 8.16 -6.68 -6.57
C GLY A 184 9.34 -7.39 -5.93
N GLU A 185 10.38 -6.64 -5.58
CA GLU A 185 11.63 -7.22 -5.12
C GLU A 185 11.79 -6.95 -3.62
N SER A 186 12.37 -7.91 -2.91
CA SER A 186 12.59 -7.81 -1.47
C SER A 186 13.59 -6.70 -1.14
N LEU A 187 13.34 -5.99 -0.04
CA LEU A 187 14.29 -4.97 0.44
C LEU A 187 15.42 -5.67 1.20
N PRO A 188 16.60 -5.00 1.33
CA PRO A 188 17.69 -5.64 2.08
C PRO A 188 17.28 -5.89 3.51
N ALA A 189 17.82 -6.97 4.08
CA ALA A 189 17.43 -7.42 5.42
C ALA A 189 17.75 -6.38 6.49
N ARG A 190 18.87 -5.69 6.30
CA ARG A 190 19.27 -4.55 7.15
C ARG A 190 18.12 -3.54 7.39
N PHE A 191 17.32 -3.29 6.37
CA PHE A 191 16.18 -2.38 6.48
C PHE A 191 15.27 -2.75 7.66
N PHE A 192 14.80 -3.99 7.67
CA PHE A 192 13.87 -4.42 8.70
C PHE A 192 14.55 -4.51 10.06
N SER A 193 15.79 -5.03 10.10
CA SER A 193 16.47 -5.19 11.40
C SER A 193 16.82 -3.86 12.05
N CYS A 194 17.34 -2.89 11.28
CA CYS A 194 17.53 -1.54 11.80
C CYS A 194 16.19 -0.86 12.18
N MET A 195 15.17 -1.05 11.36
CA MET A 195 13.88 -0.36 11.56
C MET A 195 13.27 -0.72 12.92
N GLN A 196 13.26 -2.01 13.21
CA GLN A 196 12.66 -2.54 14.45
C GLN A 196 13.25 -1.96 15.73
N SER A 197 14.54 -1.71 15.75
CA SER A 197 15.14 -1.13 16.95
C SER A 197 15.26 0.39 16.88
N ASP A 198 15.47 0.93 15.68
CA ASP A 198 15.64 2.38 15.52
C ASP A 198 14.36 3.11 15.92
N PHE A 199 13.22 2.60 15.47
CA PHE A 199 11.97 3.32 15.60
C PHE A 199 11.35 3.25 16.97
N LEU A 200 11.89 2.42 17.86
CA LEU A 200 11.54 2.50 19.29
C LEU A 200 12.14 3.72 20.02
N LYS A 201 13.25 4.24 19.49
CA LYS A 201 14.00 5.29 20.20
C LYS A 201 14.29 6.52 19.35
N VAL A 202 13.36 6.89 18.48
CA VAL A 202 13.56 8.09 17.67
C VAL A 202 12.83 9.27 18.31
N ASP A 203 13.54 10.40 18.42
CA ASP A 203 12.97 11.62 19.01
C ASP A 203 12.48 12.64 17.97
N LEU A 204 12.99 12.57 16.75
CA LEU A 204 12.53 13.44 15.66
C LEU A 204 12.69 12.71 14.33
N LEU A 205 11.64 12.71 13.50
CA LEU A 205 11.77 12.29 12.10
C LEU A 205 11.92 13.52 11.23
N LEU A 206 12.97 13.53 10.41
CA LEU A 206 13.18 14.56 9.43
C LEU A 206 12.95 13.91 8.06
N VAL A 207 11.87 14.29 7.39
CA VAL A 207 11.50 13.67 6.14
C VAL A 207 11.74 14.67 5.02
N MET A 208 12.57 14.30 4.04
CA MET A 208 13.03 15.25 3.04
C MET A 208 13.05 14.67 1.65
N GLY A 209 12.51 15.44 0.70
CA GLY A 209 12.63 15.09 -0.71
C GLY A 209 12.07 13.74 -1.10
N THR A 210 10.92 13.41 -0.56
CA THR A 210 10.20 12.21 -0.97
C THR A 210 8.70 12.44 -1.02
N SER A 211 8.03 11.80 -1.98
CA SER A 211 6.57 11.89 -2.10
C SER A 211 5.84 10.88 -1.21
N LEU A 212 6.57 10.02 -0.52
CA LEU A 212 5.97 8.91 0.24
C LEU A 212 4.90 8.14 -0.55
N GLN A 213 5.21 7.78 -1.78
CA GLN A 213 4.28 7.07 -2.64
C GLN A 213 4.58 5.57 -2.84
N VAL A 214 5.61 5.03 -2.18
CA VAL A 214 5.88 3.58 -2.27
C VAL A 214 6.08 2.93 -0.91
N GLN A 215 5.49 1.75 -0.76
CA GLN A 215 5.70 0.91 0.41
C GLN A 215 6.90 -0.03 0.20
N PRO A 216 7.49 -0.54 1.30
CA PRO A 216 7.15 -0.26 2.70
C PRO A 216 7.75 1.05 3.23
N PHE A 217 8.54 1.75 2.42
CA PHE A 217 9.21 2.95 2.93
C PHE A 217 8.22 3.96 3.50
N ALA A 218 7.07 4.13 2.85
CA ALA A 218 6.12 5.11 3.33
C ALA A 218 5.54 4.76 4.73
N SER A 219 5.56 3.48 5.09
CA SER A 219 5.14 3.03 6.43
C SER A 219 6.03 3.49 7.58
N LEU A 220 7.25 3.93 7.27
CA LEU A 220 8.20 4.27 8.33
C LEU A 220 7.71 5.40 9.21
N ILE A 221 6.98 6.35 8.63
CA ILE A 221 6.46 7.47 9.44
C ILE A 221 5.55 6.96 10.56
N SER A 222 4.79 5.90 10.27
CA SER A 222 3.88 5.32 11.26
C SER A 222 4.59 4.44 12.30
N LYS A 223 5.86 4.13 12.09
CA LYS A 223 6.60 3.31 13.05
C LYS A 223 7.14 4.11 14.21
N ALA A 224 7.26 5.42 14.03
CA ALA A 224 7.71 6.28 15.10
C ALA A 224 6.71 6.28 16.25
N PRO A 225 7.19 6.47 17.48
CA PRO A 225 6.27 6.68 18.59
C PRO A 225 5.32 7.84 18.31
N LEU A 226 4.13 7.78 18.89
CA LEU A 226 3.09 8.77 18.59
C LEU A 226 3.47 10.20 18.98
N SER A 227 4.35 10.37 19.96
CA SER A 227 4.74 11.71 20.41
C SER A 227 5.90 12.32 19.60
N THR A 228 6.56 11.50 18.77
CA THR A 228 7.75 11.94 18.03
C THR A 228 7.39 12.94 16.97
N PRO A 229 7.91 14.18 17.09
CA PRO A 229 7.62 15.17 16.04
C PRO A 229 8.20 14.75 14.70
N ARG A 230 7.54 15.20 13.64
CA ARG A 230 7.91 14.84 12.28
C ARG A 230 7.92 16.07 11.40
N LEU A 231 9.09 16.40 10.88
CA LEU A 231 9.27 17.56 10.04
C LEU A 231 9.48 17.15 8.60
N LEU A 232 8.65 17.67 7.71
CA LEU A 232 8.81 17.46 6.29
C LEU A 232 9.44 18.72 5.69
N ILE A 233 10.52 18.52 4.95
CA ILE A 233 11.09 19.55 4.10
C ILE A 233 10.97 19.04 2.68
N ASN A 234 10.15 19.69 1.88
CA ASN A 234 9.78 19.18 0.59
C ASN A 234 9.11 20.28 -0.22
N LYS A 235 9.13 20.15 -1.54
CA LYS A 235 8.47 21.15 -2.40
C LYS A 235 6.97 21.19 -2.16
N GLU A 236 6.40 20.02 -1.92
CA GLU A 236 4.95 19.85 -1.73
C GLU A 236 4.69 19.05 -0.45
N LYS A 237 3.50 19.18 0.09
CA LYS A 237 3.07 18.31 1.15
C LYS A 237 3.06 16.90 0.61
N ALA A 238 3.45 15.96 1.45
CA ALA A 238 3.40 14.55 1.13
C ALA A 238 2.99 13.83 2.41
N GLY A 239 2.34 12.70 2.25
CA GLY A 239 1.89 11.92 3.38
C GLY A 239 0.59 12.38 4.02
N GLN A 240 0.04 13.50 3.54
CA GLN A 240 -1.25 14.01 4.01
C GLN A 240 -2.24 14.03 2.84
N SER A 241 -3.11 13.03 2.79
CA SER A 241 -4.21 13.04 1.82
C SER A 241 -5.41 12.27 2.32
N ASP A 242 -6.57 12.63 1.80
CA ASP A 242 -7.83 11.95 2.10
C ASP A 242 -7.75 10.50 1.61
N PRO A 243 -8.35 9.56 2.36
CA PRO A 243 -8.33 8.17 1.89
C PRO A 243 -9.12 7.98 0.59
N PHE A 244 -8.66 7.05 -0.25
CA PHE A 244 -9.31 6.70 -1.51
C PHE A 244 -8.87 5.29 -1.91
N LEU A 245 -9.63 4.66 -2.81
CA LEU A 245 -9.29 3.30 -3.22
C LEU A 245 -8.02 3.33 -4.06
N GLY A 246 -7.00 2.62 -3.59
CA GLY A 246 -5.69 2.60 -4.24
C GLY A 246 -4.69 3.49 -3.55
N MET A 247 -5.08 4.10 -2.44
CA MET A 247 -4.17 4.93 -1.67
C MET A 247 -2.96 4.12 -1.20
N ILE A 248 -1.81 4.78 -1.14
CA ILE A 248 -0.57 4.09 -0.83
C ILE A 248 -0.44 3.78 0.65
N MET A 249 -0.69 4.78 1.49
CA MET A 249 -0.53 4.56 2.92
C MET A 249 -1.66 3.73 3.47
N GLY A 250 -1.38 3.05 4.57
CA GLY A 250 -2.42 2.43 5.36
C GLY A 250 -3.29 3.48 6.02
N LEU A 251 -4.49 3.05 6.35
CA LEU A 251 -5.51 3.91 6.95
C LEU A 251 -5.05 4.51 8.29
N GLY A 252 -5.05 5.84 8.39
CA GLY A 252 -4.51 6.53 9.56
C GLY A 252 -3.00 6.51 9.69
N GLY A 253 -2.30 6.12 8.62
CA GLY A 253 -0.85 6.01 8.66
C GLY A 253 -0.10 7.26 8.22
N GLY A 254 -0.83 8.31 7.82
CA GLY A 254 -0.22 9.48 7.19
C GLY A 254 0.27 10.55 8.14
N MET A 255 0.69 11.66 7.55
CA MET A 255 1.00 12.89 8.26
C MET A 255 -0.27 13.67 8.54
N ASP A 256 -0.29 14.44 9.61
CA ASP A 256 -1.38 15.38 9.87
C ASP A 256 -0.83 16.77 10.17
N PHE A 257 -0.66 17.57 9.12
CA PHE A 257 -0.17 18.95 9.25
C PHE A 257 -1.29 19.94 9.60
N ASP A 258 -2.47 19.74 9.00
CA ASP A 258 -3.49 20.81 8.91
C ASP A 258 -4.82 20.62 9.65
N SER A 259 -5.14 19.40 10.09
CA SER A 259 -6.44 19.15 10.73
C SER A 259 -6.52 19.77 12.13
N LYS A 260 -7.74 19.84 12.67
CA LYS A 260 -8.00 20.35 14.00
C LYS A 260 -7.23 19.58 15.09
N LYS A 261 -6.82 18.36 14.79
CA LYS A 261 -6.12 17.50 15.75
C LYS A 261 -4.58 17.53 15.62
N ALA A 262 -4.06 18.24 14.62
CA ALA A 262 -2.60 18.30 14.37
C ALA A 262 -1.83 18.69 15.63
N TYR A 263 -0.82 17.90 15.98
CA TYR A 263 -0.06 18.17 17.22
C TYR A 263 1.46 18.04 17.10
N ARG A 264 1.96 17.47 15.99
CA ARG A 264 3.37 17.09 15.93
C ARG A 264 4.07 17.12 14.57
N ASP A 265 3.30 17.35 13.51
CA ASP A 265 3.82 17.31 12.16
C ASP A 265 3.89 18.72 11.61
N VAL A 266 5.00 19.04 10.94
CA VAL A 266 5.26 20.34 10.36
C VAL A 266 5.68 20.15 8.91
N ALA A 267 5.06 20.90 7.99
CA ALA A 267 5.54 20.92 6.60
C ALA A 267 6.18 22.26 6.30
N TRP A 268 7.46 22.23 5.95
CA TRP A 268 8.18 23.38 5.43
C TRP A 268 8.24 23.22 3.93
N LEU A 269 7.56 24.11 3.20
CA LEU A 269 7.40 23.94 1.78
C LEU A 269 8.41 24.79 1.00
N GLY A 270 9.28 24.10 0.26
CA GLY A 270 10.27 24.75 -0.59
C GLY A 270 11.36 23.74 -0.92
N GLU A 271 12.49 24.26 -1.39
CA GLU A 271 13.63 23.44 -1.75
C GLU A 271 14.33 22.91 -0.49
N CYS A 272 14.83 21.69 -0.57
CA CYS A 272 15.45 21.01 0.56
C CYS A 272 16.68 21.78 1.06
N ASP A 273 17.53 22.25 0.15
CA ASP A 273 18.74 22.98 0.50
C ASP A 273 18.44 24.25 1.27
N GLN A 274 17.43 24.98 0.81
CA GLN A 274 17.00 26.22 1.42
C GLN A 274 16.33 25.96 2.78
N GLY A 275 15.52 24.91 2.88
CA GLY A 275 14.96 24.51 4.18
C GLY A 275 16.03 24.06 5.18
N CYS A 276 17.05 23.39 4.68
CA CYS A 276 18.14 22.93 5.54
C CYS A 276 18.97 24.13 5.99
N LEU A 277 19.19 25.07 5.07
CA LEU A 277 19.84 26.35 5.44
C LEU A 277 19.03 27.11 6.49
N ALA A 278 17.73 27.20 6.27
CA ALA A 278 16.86 27.92 7.19
C ALA A 278 16.90 27.28 8.57
N LEU A 279 16.88 25.96 8.63
CA LEU A 279 16.89 25.27 9.93
C LEU A 279 18.25 25.39 10.62
N ALA A 280 19.32 25.32 9.83
CA ALA A 280 20.66 25.50 10.38
C ALA A 280 20.84 26.89 10.99
N GLU A 281 20.29 27.90 10.32
CA GLU A 281 20.31 29.27 10.82
C GLU A 281 19.68 29.31 12.19
N LEU A 282 18.47 28.77 12.30
CA LEU A 282 17.75 28.73 13.58
C LEU A 282 18.56 28.03 14.67
N LEU A 283 19.30 26.99 14.30
CA LEU A 283 20.13 26.24 15.25
C LEU A 283 21.51 26.85 15.51
N GLY A 284 21.86 27.92 14.81
CA GLY A 284 23.19 28.53 14.96
C GLY A 284 24.30 27.77 14.24
N TRP A 285 23.93 26.99 13.22
CA TRP A 285 24.87 26.11 12.50
C TRP A 285 25.14 26.58 11.08
N LYS A 286 24.58 27.73 10.68
CA LYS A 286 24.59 28.09 9.25
C LYS A 286 26.00 28.26 8.68
N LYS A 287 26.84 29.03 9.37
CA LYS A 287 28.22 29.24 8.95
C LYS A 287 28.99 27.93 8.88
N GLU A 288 28.81 27.10 9.90
CA GLU A 288 29.44 25.79 9.94
C GLU A 288 29.04 24.94 8.73
N LEU A 289 27.75 24.97 8.41
CA LEU A 289 27.23 24.21 7.27
C LEU A 289 27.81 24.75 5.96
N GLU A 290 27.72 26.04 5.76
CA GLU A 290 28.26 26.64 4.54
C GLU A 290 29.75 26.39 4.42
N ASP A 291 30.46 26.44 5.54
CA ASP A 291 31.91 26.14 5.57
C ASP A 291 32.20 24.72 5.14
N LEU A 292 31.42 23.78 5.67
CA LEU A 292 31.56 22.38 5.34
C LEU A 292 31.27 22.12 3.87
N VAL A 293 30.19 22.70 3.34
CA VAL A 293 29.86 22.52 1.93
C VAL A 293 31.01 23.01 1.06
N ARG A 294 31.43 24.25 1.30
CA ARG A 294 32.53 24.85 0.55
C ARG A 294 33.75 23.96 0.58
N ARG A 295 34.20 23.62 1.78
CA ARG A 295 35.39 22.79 1.95
C ARG A 295 35.30 21.44 1.24
N GLU A 296 34.15 20.78 1.38
CA GLU A 296 33.99 19.43 0.82
C GLU A 296 33.85 19.41 -0.70
N HIS A 297 33.26 20.45 -1.27
CA HIS A 297 33.15 20.54 -2.73
C HIS A 297 34.52 20.77 -3.38
N ALA A 298 35.24 21.77 -2.88
CA ALA A 298 36.62 22.05 -3.30
C ALA A 298 37.49 20.79 -3.21
N SER A 299 37.38 20.08 -2.09
CA SER A 299 38.12 18.84 -1.90
C SER A 299 37.75 17.79 -2.95
N ILE A 300 36.46 17.68 -3.25
CA ILE A 300 35.99 16.76 -4.30
C ILE A 300 36.58 17.14 -5.68
N ASP A 301 36.77 18.43 -5.92
CA ASP A 301 37.38 18.90 -7.17
C ASP A 301 38.90 18.62 -7.25
N ALA A 302 39.60 18.80 -6.13
CA ALA A 302 41.06 18.64 -6.09
C ALA A 302 41.54 17.34 -6.76
N GLU B 4 0.19 -11.28 23.10
CA GLU B 4 -0.71 -12.11 23.95
C GLU B 4 -1.48 -13.15 23.12
N ARG B 5 -1.44 -14.40 23.59
CA ARG B 5 -2.02 -15.54 22.90
C ARG B 5 -3.40 -15.86 23.48
N LEU B 6 -4.44 -15.83 22.64
CA LEU B 6 -5.79 -16.29 23.03
C LEU B 6 -6.17 -17.65 22.46
N LEU B 7 -5.63 -18.00 21.29
CA LEU B 7 -5.87 -19.32 20.71
C LEU B 7 -5.01 -20.37 21.41
N ASP B 8 -5.59 -21.54 21.67
CA ASP B 8 -4.86 -22.64 22.31
C ASP B 8 -3.91 -23.32 21.32
N GLU B 9 -4.31 -23.33 20.05
CA GLU B 9 -3.41 -23.68 18.96
C GLU B 9 -3.82 -22.91 17.71
N LEU B 10 -2.87 -22.74 16.80
CA LEU B 10 -3.09 -21.94 15.59
C LEU B 10 -3.62 -22.81 14.46
N THR B 11 -4.84 -23.30 14.63
CA THR B 11 -5.48 -24.17 13.67
C THR B 11 -6.97 -23.88 13.71
N LEU B 12 -7.71 -24.38 12.73
CA LEU B 12 -9.14 -24.20 12.68
C LEU B 12 -9.80 -24.70 13.96
N GLU B 13 -9.27 -25.81 14.49
CA GLU B 13 -9.80 -26.42 15.72
C GLU B 13 -9.65 -25.48 16.91
N GLY B 14 -8.46 -24.88 17.02
CA GLY B 14 -8.20 -23.85 18.04
C GLY B 14 -9.12 -22.66 17.95
N VAL B 15 -9.40 -22.23 16.72
CA VAL B 15 -10.31 -21.12 16.48
C VAL B 15 -11.74 -21.51 16.87
N ALA B 16 -12.13 -22.73 16.51
CA ALA B 16 -13.46 -23.25 16.87
C ALA B 16 -13.66 -23.27 18.39
N ARG B 17 -12.68 -23.80 19.11
CA ARG B 17 -12.76 -23.83 20.57
C ARG B 17 -12.81 -22.42 21.15
N TYR B 18 -12.05 -21.49 20.55
CA TYR B 18 -12.12 -20.08 20.96
C TYR B 18 -13.52 -19.49 20.72
N MET B 19 -14.11 -19.82 19.58
CA MET B 19 -15.46 -19.36 19.25
C MET B 19 -16.51 -19.88 20.22
N GLN B 20 -16.23 -21.03 20.82
CA GLN B 20 -17.12 -21.61 21.83
C GLN B 20 -16.91 -21.04 23.22
N SER B 21 -15.79 -20.35 23.44
CA SER B 21 -15.51 -19.73 24.74
C SER B 21 -16.42 -18.52 24.97
N GLU B 22 -16.52 -18.12 26.22
CA GLU B 22 -17.31 -16.95 26.63
C GLU B 22 -16.76 -15.67 26.01
N ARG B 23 -15.44 -15.61 25.91
CA ARG B 23 -14.70 -14.47 25.38
C ARG B 23 -15.15 -14.02 23.98
N CYS B 24 -15.53 -14.97 23.13
CA CYS B 24 -15.82 -14.66 21.73
C CYS B 24 -17.27 -14.21 21.49
N ARG B 25 -17.53 -12.94 21.72
CA ARG B 25 -18.85 -12.33 21.50
C ARG B 25 -19.05 -11.73 20.11
N ARG B 26 -18.03 -11.06 19.60
CA ARG B 26 -18.17 -10.23 18.39
C ARG B 26 -17.21 -10.63 17.27
N VAL B 27 -17.79 -11.06 16.16
CA VAL B 27 -17.07 -11.51 14.98
C VAL B 27 -17.30 -10.54 13.82
N ILE B 28 -16.19 -10.09 13.21
CA ILE B 28 -16.25 -9.26 12.00
C ILE B 28 -15.73 -10.08 10.82
N CYS B 29 -16.53 -10.13 9.77
CA CYS B 29 -16.12 -10.81 8.54
C CYS B 29 -15.56 -9.79 7.53
N LEU B 30 -14.40 -10.12 6.96
CA LEU B 30 -13.83 -9.32 5.89
C LEU B 30 -13.79 -10.19 4.65
N VAL B 31 -14.56 -9.81 3.63
CA VAL B 31 -14.72 -10.65 2.44
C VAL B 31 -14.44 -9.94 1.13
N GLY B 32 -13.98 -10.73 0.15
CA GLY B 32 -13.77 -10.25 -1.21
C GLY B 32 -14.36 -11.21 -2.22
N ALA B 33 -13.93 -11.07 -3.47
CA ALA B 33 -14.55 -11.74 -4.62
C ALA B 33 -14.44 -13.24 -4.61
N GLY B 34 -13.48 -13.76 -3.82
CA GLY B 34 -13.33 -15.20 -3.67
C GLY B 34 -14.51 -15.92 -3.05
N ILE B 35 -15.34 -15.23 -2.25
CA ILE B 35 -16.51 -15.90 -1.67
C ILE B 35 -17.65 -16.09 -2.66
N SER B 36 -17.54 -15.46 -3.82
CA SER B 36 -18.57 -15.57 -4.86
C SER B 36 -18.15 -16.33 -6.14
N THR B 37 -16.91 -16.81 -6.22
CA THR B 37 -16.50 -17.60 -7.39
C THR B 37 -17.28 -18.91 -7.53
N SER B 38 -17.51 -19.61 -6.41
CA SER B 38 -18.25 -20.89 -6.47
C SER B 38 -19.69 -20.71 -6.96
N ALA B 39 -20.14 -19.45 -7.01
CA ALA B 39 -21.44 -19.08 -7.55
C ALA B 39 -21.41 -18.66 -9.02
N GLY B 40 -20.24 -18.73 -9.65
CA GLY B 40 -20.10 -18.42 -11.08
C GLY B 40 -19.57 -17.04 -11.41
N ILE B 41 -19.19 -16.26 -10.40
CA ILE B 41 -18.75 -14.90 -10.62
C ILE B 41 -17.23 -14.89 -10.55
N PRO B 42 -16.57 -14.41 -11.62
CA PRO B 42 -15.10 -14.36 -11.58
C PRO B 42 -14.59 -13.47 -10.47
N ASP B 43 -13.43 -13.83 -9.92
CA ASP B 43 -12.69 -12.88 -9.08
C ASP B 43 -11.90 -11.93 -9.99
N PHE B 44 -10.95 -11.19 -9.45
CA PHE B 44 -10.18 -10.24 -10.25
C PHE B 44 -8.83 -10.78 -10.64
N ARG B 45 -8.12 -11.33 -9.65
CA ARG B 45 -6.67 -11.53 -9.74
C ARG B 45 -6.20 -12.97 -9.88
N SER B 46 -7.11 -13.94 -9.89
CA SER B 46 -6.71 -15.32 -10.15
C SER B 46 -6.16 -15.40 -11.59
N PRO B 47 -5.04 -16.10 -11.78
CA PRO B 47 -4.50 -16.29 -13.13
C PRO B 47 -5.50 -16.93 -14.10
N SER B 48 -5.49 -16.42 -15.33
CA SER B 48 -6.29 -16.91 -16.44
C SER B 48 -7.80 -16.70 -16.32
N THR B 49 -8.36 -16.99 -15.16
CA THR B 49 -9.82 -16.89 -14.93
C THR B 49 -10.27 -15.51 -14.46
N GLY B 50 -9.42 -14.85 -13.69
CA GLY B 50 -9.74 -13.54 -13.17
C GLY B 50 -10.09 -12.50 -14.24
N LEU B 51 -10.88 -11.53 -13.81
CA LEU B 51 -11.38 -10.46 -14.68
C LEU B 51 -10.23 -9.64 -15.30
N TYR B 52 -9.21 -9.33 -14.51
CA TYR B 52 -8.08 -8.53 -15.00
C TYR B 52 -7.22 -9.26 -16.06
N ASP B 53 -7.40 -10.57 -16.18
CA ASP B 53 -6.74 -11.37 -17.22
C ASP B 53 -7.63 -11.58 -18.47
N ASN B 54 -8.82 -10.96 -18.49
CA ASN B 54 -9.77 -11.19 -19.58
C ASN B 54 -10.42 -9.91 -20.10
N LEU B 55 -9.66 -8.82 -20.21
CA LEU B 55 -10.18 -7.56 -20.74
C LEU B 55 -9.54 -7.10 -22.06
N GLU B 56 -8.92 -8.02 -22.77
CA GLU B 56 -8.12 -7.70 -23.96
C GLU B 56 -8.88 -6.89 -25.00
N LYS B 57 -10.14 -7.23 -25.17
CA LYS B 57 -10.96 -6.59 -26.18
C LYS B 57 -11.06 -5.06 -25.99
N TYR B 58 -11.02 -4.59 -24.73
CA TYR B 58 -11.15 -3.15 -24.46
C TYR B 58 -9.85 -2.36 -24.64
N HIS B 59 -8.75 -3.03 -24.96
CA HIS B 59 -7.49 -2.35 -25.28
C HIS B 59 -7.11 -1.30 -24.23
N LEU B 60 -7.08 -1.74 -22.98
CA LEU B 60 -6.77 -0.88 -21.86
C LEU B 60 -5.27 -0.79 -21.72
N PRO B 61 -4.77 0.31 -21.16
CA PRO B 61 -3.33 0.43 -20.91
C PRO B 61 -2.87 -0.54 -19.82
N TYR B 62 -3.77 -0.84 -18.88
CA TYR B 62 -3.57 -1.88 -17.89
C TYR B 62 -4.96 -2.26 -17.38
N PRO B 63 -5.11 -3.48 -16.84
CA PRO B 63 -6.44 -3.99 -16.58
C PRO B 63 -7.30 -3.13 -15.67
N GLU B 64 -6.68 -2.57 -14.62
CA GLU B 64 -7.41 -1.79 -13.59
C GLU B 64 -8.03 -0.48 -14.10
N ALA B 65 -7.56 0.00 -15.25
CA ALA B 65 -8.06 1.23 -15.88
C ALA B 65 -9.57 1.22 -16.13
N ILE B 66 -10.15 0.04 -16.31
CA ILE B 66 -11.60 -0.05 -16.52
C ILE B 66 -12.39 0.37 -15.28
N PHE B 67 -11.77 0.31 -14.10
CA PHE B 67 -12.40 0.73 -12.85
C PHE B 67 -11.57 1.84 -12.18
N GLU B 68 -11.04 2.75 -13.00
CA GLU B 68 -10.20 3.85 -12.53
C GLU B 68 -10.87 5.13 -12.95
N ILE B 69 -10.98 6.10 -12.03
CA ILE B 69 -11.87 7.24 -12.26
C ILE B 69 -11.39 8.18 -13.38
N SER B 70 -10.09 8.45 -13.43
CA SER B 70 -9.58 9.38 -14.44
C SER B 70 -9.65 8.78 -15.85
N TYR B 71 -9.34 7.47 -15.96
CA TYR B 71 -9.48 6.78 -17.24
C TYR B 71 -10.94 6.78 -17.69
N PHE B 72 -11.82 6.47 -16.74
CA PHE B 72 -13.25 6.47 -16.96
C PHE B 72 -13.80 7.77 -17.57
N LYS B 73 -13.41 8.91 -17.03
CA LYS B 73 -13.90 10.20 -17.54
C LYS B 73 -13.46 10.44 -18.99
N LYS B 74 -12.24 10.01 -19.31
CA LYS B 74 -11.68 10.17 -20.64
C LYS B 74 -12.21 9.12 -21.61
N HIS B 75 -12.47 7.92 -21.12
CA HIS B 75 -12.93 6.80 -21.96
C HIS B 75 -13.98 5.97 -21.22
N PRO B 76 -15.22 6.47 -21.11
CA PRO B 76 -16.20 5.74 -20.31
C PRO B 76 -16.80 4.54 -21.03
N GLU B 77 -16.49 4.37 -22.32
CA GLU B 77 -17.21 3.40 -23.14
C GLU B 77 -16.93 1.96 -22.68
N PRO B 78 -15.64 1.59 -22.45
CA PRO B 78 -15.30 0.24 -21.99
C PRO B 78 -16.05 -0.22 -20.72
N PHE B 79 -16.04 0.61 -19.68
CA PHE B 79 -16.75 0.23 -18.46
C PHE B 79 -18.25 0.00 -18.69
N PHE B 80 -18.89 0.91 -19.41
CA PHE B 80 -20.32 0.76 -19.70
C PHE B 80 -20.59 -0.42 -20.64
N ALA B 81 -19.63 -0.77 -21.48
CA ALA B 81 -19.70 -2.01 -22.25
C ALA B 81 -19.58 -3.21 -21.32
N LEU B 82 -18.55 -3.22 -20.47
CA LEU B 82 -18.35 -4.31 -19.51
C LEU B 82 -19.57 -4.53 -18.62
N ALA B 83 -20.15 -3.44 -18.12
CA ALA B 83 -21.33 -3.50 -17.24
C ALA B 83 -22.52 -4.18 -17.91
N LYS B 84 -22.69 -3.94 -19.21
CA LYS B 84 -23.79 -4.50 -19.97
C LYS B 84 -23.65 -6.00 -20.11
N GLU B 85 -22.42 -6.47 -20.28
CA GLU B 85 -22.13 -7.92 -20.29
C GLU B 85 -22.43 -8.59 -18.96
N LEU B 86 -22.02 -7.98 -17.86
CA LEU B 86 -22.03 -8.65 -16.55
C LEU B 86 -23.28 -8.43 -15.71
N TYR B 87 -23.94 -7.28 -15.85
CA TYR B 87 -25.14 -6.99 -15.06
C TYR B 87 -26.23 -8.08 -15.17
N PRO B 88 -26.54 -8.56 -16.40
CA PRO B 88 -27.63 -9.54 -16.59
C PRO B 88 -27.48 -10.92 -15.95
N GLY B 89 -26.26 -11.29 -15.53
CA GLY B 89 -26.03 -12.58 -14.86
C GLY B 89 -26.77 -12.71 -13.54
N GLN B 90 -27.39 -13.88 -13.32
CA GLN B 90 -28.15 -14.14 -12.10
C GLN B 90 -27.48 -15.25 -11.27
N PHE B 91 -27.16 -14.95 -10.03
CA PHE B 91 -26.38 -15.85 -9.19
C PHE B 91 -27.01 -16.05 -7.81
N LYS B 92 -26.62 -17.14 -7.15
CA LYS B 92 -27.15 -17.53 -5.86
C LYS B 92 -26.10 -17.41 -4.79
N PRO B 93 -26.47 -17.00 -3.58
CA PRO B 93 -25.45 -17.04 -2.55
C PRO B 93 -24.85 -18.43 -2.36
N THR B 94 -23.63 -18.42 -1.86
CA THR B 94 -22.83 -19.61 -1.65
C THR B 94 -22.96 -20.10 -0.20
N ILE B 95 -22.49 -21.32 0.03
CA ILE B 95 -22.40 -21.87 1.40
C ILE B 95 -21.67 -20.90 2.33
N CYS B 96 -20.61 -20.25 1.84
CA CYS B 96 -19.92 -19.21 2.60
C CYS B 96 -20.87 -18.08 3.01
N HIS B 97 -21.65 -17.56 2.07
CA HIS B 97 -22.61 -16.49 2.35
C HIS B 97 -23.61 -16.88 3.43
N TYR B 98 -24.05 -18.13 3.39
CA TYR B 98 -25.00 -18.61 4.39
C TYR B 98 -24.35 -18.89 5.73
N PHE B 99 -23.05 -19.14 5.73
CA PHE B 99 -22.34 -19.31 6.98
C PHE B 99 -22.33 -18.00 7.79
N MET B 100 -22.19 -16.88 7.08
CA MET B 100 -22.27 -15.58 7.70
C MET B 100 -23.70 -15.25 8.19
N ARG B 101 -24.71 -15.65 7.43
CA ARG B 101 -26.11 -15.56 7.86
C ARG B 101 -26.32 -16.28 9.19
N LEU B 102 -25.70 -17.45 9.30
CA LEU B 102 -25.74 -18.27 10.50
C LEU B 102 -25.05 -17.58 11.67
N LEU B 103 -23.91 -16.96 11.41
CA LEU B 103 -23.23 -16.13 12.41
C LEU B 103 -24.16 -15.07 12.98
N LYS B 104 -24.84 -14.35 12.09
CA LYS B 104 -25.80 -13.32 12.48
C LYS B 104 -26.92 -13.90 13.35
N ASP B 105 -27.51 -15.01 12.92
CA ASP B 105 -28.61 -15.65 13.65
C ASP B 105 -28.16 -16.26 14.99
N LYS B 106 -26.92 -16.73 15.06
CA LYS B 106 -26.33 -17.16 16.33
C LYS B 106 -25.94 -15.97 17.23
N GLY B 107 -26.25 -14.75 16.81
CA GLY B 107 -25.90 -13.53 17.55
C GLY B 107 -24.41 -13.18 17.64
N LEU B 108 -23.60 -13.72 16.74
CA LEU B 108 -22.14 -13.53 16.77
C LEU B 108 -21.63 -12.46 15.80
N LEU B 109 -22.39 -12.17 14.75
CA LEU B 109 -21.93 -11.25 13.71
C LEU B 109 -22.05 -9.79 14.13
N LEU B 110 -20.91 -9.15 14.38
CA LEU B 110 -20.91 -7.71 14.59
C LEU B 110 -21.06 -6.99 13.25
N ARG B 111 -20.30 -7.41 12.24
CA ARG B 111 -20.39 -6.79 10.90
C ARG B 111 -19.75 -7.64 9.84
N CYS B 112 -20.30 -7.58 8.62
CA CYS B 112 -19.59 -8.09 7.43
C CYS B 112 -19.13 -6.92 6.57
N TYR B 113 -17.81 -6.77 6.42
CA TYR B 113 -17.25 -5.78 5.50
C TYR B 113 -16.97 -6.50 4.20
N THR B 114 -17.60 -6.05 3.13
CA THR B 114 -17.42 -6.70 1.83
C THR B 114 -16.85 -5.72 0.82
N GLN B 115 -15.98 -6.25 -0.02
CA GLN B 115 -15.46 -5.52 -1.17
C GLN B 115 -16.25 -5.84 -2.43
N ASN B 116 -17.27 -6.68 -2.29
CA ASN B 116 -18.10 -7.07 -3.44
C ASN B 116 -19.31 -6.15 -3.63
N ILE B 117 -19.76 -6.09 -4.87
CA ILE B 117 -20.97 -5.39 -5.25
C ILE B 117 -22.09 -6.35 -5.72
N ASP B 118 -21.88 -7.66 -5.59
CA ASP B 118 -22.89 -8.65 -6.01
C ASP B 118 -24.16 -8.73 -5.17
N THR B 119 -24.15 -8.11 -3.99
CA THR B 119 -25.27 -8.18 -3.00
C THR B 119 -25.66 -9.58 -2.49
N LEU B 120 -24.82 -10.60 -2.73
CA LEU B 120 -25.16 -11.95 -2.31
C LEU B 120 -25.21 -12.09 -0.78
N GLU B 121 -24.60 -11.14 -0.07
CA GLU B 121 -24.70 -11.11 1.38
C GLU B 121 -26.12 -10.78 1.79
N ARG B 122 -26.71 -9.75 1.18
CA ARG B 122 -28.10 -9.36 1.43
C ARG B 122 -29.04 -10.48 1.03
N ILE B 123 -28.82 -11.05 -0.15
CA ILE B 123 -29.67 -12.11 -0.66
C ILE B 123 -29.67 -13.32 0.28
N ALA B 124 -28.53 -13.58 0.91
CA ALA B 124 -28.41 -14.67 1.90
C ALA B 124 -29.11 -14.40 3.24
N GLY B 125 -29.54 -13.17 3.47
CA GLY B 125 -30.33 -12.81 4.65
C GLY B 125 -29.69 -11.82 5.61
N LEU B 126 -28.46 -11.41 5.33
CA LEU B 126 -27.85 -10.33 6.11
C LEU B 126 -28.59 -9.04 5.79
N GLU B 127 -28.78 -8.20 6.80
CA GLU B 127 -29.47 -6.93 6.61
C GLU B 127 -28.48 -5.80 6.45
N GLN B 128 -28.97 -4.66 5.96
CA GLN B 128 -28.11 -3.51 5.66
C GLN B 128 -27.30 -3.05 6.88
N GLU B 129 -27.88 -3.23 8.07
CA GLU B 129 -27.22 -2.89 9.33
C GLU B 129 -26.03 -3.82 9.63
N ASP B 130 -26.11 -5.07 9.19
CA ASP B 130 -25.02 -6.04 9.34
C ASP B 130 -23.86 -5.79 8.35
N LEU B 131 -24.09 -4.92 7.37
CA LEU B 131 -23.21 -4.78 6.20
C LEU B 131 -22.50 -3.44 6.06
N VAL B 132 -21.24 -3.52 5.69
CA VAL B 132 -20.51 -2.39 5.16
C VAL B 132 -20.12 -2.79 3.74
N GLU B 133 -20.82 -2.22 2.77
CA GLU B 133 -20.51 -2.43 1.37
C GLU B 133 -19.36 -1.49 1.01
N ALA B 134 -18.14 -1.94 1.31
CA ALA B 134 -16.95 -1.08 1.31
C ALA B 134 -16.59 -0.48 -0.04
N HIS B 135 -16.92 -1.20 -1.10
CA HIS B 135 -16.59 -0.76 -2.44
C HIS B 135 -17.87 -0.36 -3.19
N GLY B 136 -18.88 -0.01 -2.42
CA GLY B 136 -20.06 0.66 -2.94
C GLY B 136 -21.14 -0.29 -3.36
N THR B 137 -22.10 0.26 -4.08
CA THR B 137 -23.26 -0.49 -4.56
C THR B 137 -23.67 0.00 -5.96
N PHE B 138 -24.28 -0.88 -6.76
CA PHE B 138 -24.83 -0.53 -8.09
CA PHE B 138 -24.80 -0.45 -8.06
C PHE B 138 -26.26 0.02 -8.00
N TYR B 139 -26.88 -0.11 -6.81
CA TYR B 139 -28.30 0.19 -6.63
C TYR B 139 -28.62 1.66 -6.89
N THR B 140 -27.71 2.54 -6.48
CA THR B 140 -27.83 3.96 -6.79
C THR B 140 -26.65 4.47 -7.63
N SER B 141 -26.88 5.57 -8.34
CA SER B 141 -25.88 6.16 -9.22
C SER B 141 -25.83 7.68 -8.98
N HIS B 142 -24.67 8.27 -9.22
CA HIS B 142 -24.48 9.70 -9.03
C HIS B 142 -23.70 10.31 -10.20
N CYS B 143 -24.07 11.54 -10.53
CA CYS B 143 -23.25 12.41 -11.37
C CYS B 143 -21.88 12.61 -10.71
N VAL B 144 -20.83 12.49 -11.51
CA VAL B 144 -19.46 12.55 -10.98
C VAL B 144 -18.98 13.95 -10.54
N SER B 145 -19.70 15.00 -10.92
CA SER B 145 -19.29 16.37 -10.62
C SER B 145 -19.52 16.73 -9.16
N ALA B 146 -18.46 17.14 -8.47
CA ALA B 146 -18.51 17.47 -7.05
C ALA B 146 -19.43 18.66 -6.72
N SER B 147 -19.60 19.57 -7.68
CA SER B 147 -20.50 20.71 -7.48
C SER B 147 -21.98 20.36 -7.66
N CYS B 148 -22.27 19.16 -8.18
CA CYS B 148 -23.63 18.79 -8.53
C CYS B 148 -24.12 17.54 -7.79
N ARG B 149 -23.48 16.40 -8.06
CA ARG B 149 -23.75 15.15 -7.36
C ARG B 149 -25.21 14.68 -7.45
N HIS B 150 -25.87 14.97 -8.57
CA HIS B 150 -27.25 14.53 -8.78
C HIS B 150 -27.36 13.00 -8.69
N GLU B 151 -28.23 12.50 -7.83
CA GLU B 151 -28.50 11.04 -7.75
C GLU B 151 -29.49 10.57 -8.81
N TYR B 152 -29.29 9.34 -9.28
CA TYR B 152 -30.23 8.67 -10.20
C TYR B 152 -30.42 7.22 -9.77
N PRO B 153 -31.64 6.67 -9.93
CA PRO B 153 -31.88 5.30 -9.48
C PRO B 153 -31.42 4.25 -10.47
N LEU B 154 -31.51 3.00 -10.07
CA LEU B 154 -31.13 1.85 -10.89
C LEU B 154 -31.85 1.79 -12.24
N SER B 155 -33.15 2.06 -12.25
CA SER B 155 -33.93 2.05 -13.48
C SER B 155 -33.37 3.03 -14.52
N TRP B 156 -33.05 4.24 -14.07
CA TRP B 156 -32.47 5.27 -14.93
C TRP B 156 -31.14 4.78 -15.54
N MET B 157 -30.29 4.22 -14.71
CA MET B 157 -28.97 3.71 -15.14
C MET B 157 -29.07 2.53 -16.12
N LYS B 158 -30.02 1.62 -15.88
CA LYS B 158 -30.23 0.46 -16.76
C LYS B 158 -30.75 0.90 -18.13
N GLU B 159 -31.70 1.81 -18.14
CA GLU B 159 -32.25 2.35 -19.40
C GLU B 159 -31.15 2.92 -20.28
N LYS B 160 -30.21 3.63 -19.67
CA LYS B 160 -29.08 4.22 -20.37
C LYS B 160 -28.09 3.14 -20.83
N ILE B 161 -27.75 2.23 -19.93
CA ILE B 161 -26.81 1.13 -20.25
C ILE B 161 -27.33 0.33 -21.44
N PHE B 162 -28.55 -0.18 -21.31
CA PHE B 162 -29.12 -1.12 -22.28
C PHE B 162 -29.63 -0.48 -23.57
N SER B 163 -29.66 0.86 -23.61
CA SER B 163 -29.89 1.59 -24.86
C SER B 163 -28.58 2.12 -25.50
N GLU B 164 -27.44 1.66 -24.98
CA GLU B 164 -26.10 2.06 -25.46
C GLU B 164 -25.90 3.58 -25.44
N VAL B 165 -26.42 4.20 -24.40
CA VAL B 165 -26.30 5.64 -24.19
C VAL B 165 -25.40 5.86 -22.98
N THR B 166 -24.27 6.52 -23.20
CA THR B 166 -23.38 6.87 -22.11
C THR B 166 -24.12 7.79 -21.14
N PRO B 167 -24.34 7.33 -19.89
CA PRO B 167 -25.14 8.12 -18.96
C PRO B 167 -24.61 9.54 -18.73
N LYS B 168 -25.49 10.53 -18.89
CA LYS B 168 -25.13 11.93 -18.68
C LYS B 168 -26.10 12.62 -17.73
N CYS B 169 -25.57 13.36 -16.76
CA CYS B 169 -26.37 14.14 -15.82
C CYS B 169 -27.29 15.10 -16.56
N GLU B 170 -28.57 15.09 -16.20
CA GLU B 170 -29.58 15.89 -16.90
C GLU B 170 -29.46 17.37 -16.58
N ASP B 171 -28.87 17.68 -15.42
CA ASP B 171 -28.49 19.05 -15.06
C ASP B 171 -27.20 19.49 -15.76
N CYS B 172 -26.07 18.97 -15.29
CA CYS B 172 -24.75 19.52 -15.66
C CYS B 172 -24.05 18.80 -16.82
N GLN B 173 -24.61 17.69 -17.29
CA GLN B 173 -24.07 16.92 -18.43
C GLN B 173 -22.79 16.13 -18.13
N SER B 174 -22.32 16.15 -16.88
CA SER B 174 -21.20 15.33 -16.47
C SER B 174 -21.58 13.86 -16.59
N LEU B 175 -20.58 12.98 -16.53
CA LEU B 175 -20.83 11.54 -16.53
C LEU B 175 -21.57 11.13 -15.25
N VAL B 176 -22.40 10.09 -15.38
CA VAL B 176 -23.09 9.48 -14.24
C VAL B 176 -22.65 8.03 -14.19
N LYS B 177 -22.25 7.57 -13.00
CA LYS B 177 -21.84 6.18 -12.81
C LYS B 177 -22.54 5.58 -11.60
N PRO B 178 -22.61 4.26 -11.54
CA PRO B 178 -23.06 3.60 -10.32
C PRO B 178 -22.13 3.85 -9.16
N ASP B 179 -22.69 3.86 -7.95
CA ASP B 179 -21.92 4.11 -6.73
C ASP B 179 -21.01 2.94 -6.34
N ILE B 180 -20.37 2.33 -7.32
CA ILE B 180 -19.35 1.34 -7.04
C ILE B 180 -18.02 2.11 -7.08
N VAL B 181 -17.12 1.75 -6.19
CA VAL B 181 -15.91 2.54 -5.96
C VAL B 181 -14.79 2.17 -6.93
N PHE B 182 -14.38 3.15 -7.72
CA PHE B 182 -13.24 3.02 -8.63
C PHE B 182 -11.92 3.42 -7.95
N PHE B 183 -10.83 2.94 -8.50
CA PHE B 183 -9.52 3.45 -8.11
C PHE B 183 -9.51 4.96 -8.25
N GLY B 184 -8.95 5.63 -7.24
CA GLY B 184 -8.96 7.09 -7.14
C GLY B 184 -10.20 7.72 -6.51
N GLU B 185 -11.21 6.91 -6.17
CA GLU B 185 -12.45 7.44 -5.58
C GLU B 185 -12.52 7.24 -4.09
N SER B 186 -13.29 8.11 -3.43
CA SER B 186 -13.62 7.95 -2.01
C SER B 186 -14.49 6.72 -1.77
N LEU B 187 -14.26 6.06 -0.65
CA LEU B 187 -15.12 4.99 -0.19
C LEU B 187 -16.36 5.60 0.48
N PRO B 188 -17.44 4.81 0.67
CA PRO B 188 -18.65 5.35 1.34
C PRO B 188 -18.36 5.86 2.75
N ALA B 189 -19.09 6.90 3.16
CA ALA B 189 -18.97 7.45 4.52
C ALA B 189 -19.11 6.34 5.57
N ARG B 190 -20.07 5.47 5.34
CA ARG B 190 -20.37 4.36 6.25
C ARG B 190 -19.14 3.48 6.57
N PHE B 191 -18.28 3.22 5.58
CA PHE B 191 -17.07 2.45 5.77
C PHE B 191 -16.29 3.02 6.94
N PHE B 192 -16.14 4.34 6.95
CA PHE B 192 -15.29 4.99 7.96
C PHE B 192 -15.97 5.07 9.32
N SER B 193 -17.21 5.55 9.37
CA SER B 193 -17.91 5.62 10.65
C SER B 193 -18.04 4.24 11.33
N CYS B 194 -18.36 3.21 10.56
CA CYS B 194 -18.41 1.86 11.13
C CYS B 194 -17.04 1.37 11.60
N MET B 195 -16.01 1.63 10.80
CA MET B 195 -14.65 1.18 11.12
C MET B 195 -14.17 1.73 12.47
N GLN B 196 -14.35 3.03 12.69
CA GLN B 196 -14.02 3.70 13.97
C GLN B 196 -14.55 2.96 15.20
N SER B 197 -15.77 2.44 15.08
CA SER B 197 -16.49 1.87 16.21
C SER B 197 -16.39 0.34 16.32
N ASP B 198 -16.37 -0.35 15.17
CA ASP B 198 -16.47 -1.82 15.13
C ASP B 198 -15.23 -2.56 15.65
N PHE B 199 -14.06 -1.99 15.42
CA PHE B 199 -12.81 -2.69 15.70
C PHE B 199 -12.25 -2.50 17.11
N LEU B 200 -12.90 -1.64 17.90
CA LEU B 200 -12.49 -1.44 19.29
C LEU B 200 -12.65 -2.70 20.17
N LYS B 201 -13.78 -3.37 20.04
CA LYS B 201 -14.10 -4.51 20.92
C LYS B 201 -14.38 -5.78 20.12
N VAL B 202 -13.67 -5.96 19.01
CA VAL B 202 -13.88 -7.14 18.16
C VAL B 202 -13.09 -8.33 18.66
N ASP B 203 -13.73 -9.49 18.72
CA ASP B 203 -13.14 -10.70 19.31
C ASP B 203 -12.53 -11.65 18.30
N LEU B 204 -13.00 -11.58 17.05
CA LEU B 204 -12.48 -12.43 15.99
C LEU B 204 -12.66 -11.80 14.62
N LEU B 205 -11.60 -11.84 13.81
CA LEU B 205 -11.70 -11.49 12.39
C LEU B 205 -11.76 -12.75 11.56
N LEU B 206 -12.75 -12.80 10.68
CA LEU B 206 -12.82 -13.88 9.70
C LEU B 206 -12.66 -13.30 8.29
N VAL B 207 -11.50 -13.55 7.69
CA VAL B 207 -11.14 -12.99 6.39
C VAL B 207 -11.32 -14.07 5.34
N MET B 208 -12.18 -13.83 4.37
CA MET B 208 -12.47 -14.88 3.38
C MET B 208 -12.48 -14.38 1.95
N GLY B 209 -11.77 -15.11 1.09
CA GLY B 209 -11.87 -14.92 -0.35
C GLY B 209 -11.40 -13.55 -0.81
N THR B 210 -10.25 -13.11 -0.33
CA THR B 210 -9.67 -11.83 -0.76
C THR B 210 -8.14 -11.93 -0.74
N SER B 211 -7.50 -11.34 -1.75
CA SER B 211 -6.04 -11.25 -1.82
C SER B 211 -5.48 -10.08 -0.98
N LEU B 212 -6.37 -9.26 -0.41
CA LEU B 212 -6.00 -8.10 0.40
C LEU B 212 -5.01 -7.23 -0.37
N GLN B 213 -5.33 -6.97 -1.63
CA GLN B 213 -4.42 -6.29 -2.54
C GLN B 213 -4.84 -4.86 -2.75
N VAL B 214 -5.89 -4.39 -2.08
CA VAL B 214 -6.26 -2.98 -2.20
C VAL B 214 -6.49 -2.31 -0.85
N GLN B 215 -5.97 -1.09 -0.75
CA GLN B 215 -6.19 -0.19 0.37
C GLN B 215 -7.38 0.74 0.09
N PRO B 216 -8.05 1.27 1.14
CA PRO B 216 -7.77 1.09 2.57
C PRO B 216 -8.33 -0.20 3.16
N PHE B 217 -9.07 -0.99 2.38
CA PHE B 217 -9.69 -2.21 2.91
C PHE B 217 -8.66 -3.15 3.58
N ALA B 218 -7.49 -3.24 2.98
CA ALA B 218 -6.43 -4.11 3.48
C ALA B 218 -5.92 -3.68 4.86
N SER B 219 -6.08 -2.40 5.21
CA SER B 219 -5.72 -1.89 6.53
C SER B 219 -6.58 -2.45 7.68
N LEU B 220 -7.79 -2.90 7.36
CA LEU B 220 -8.77 -3.24 8.39
C LEU B 220 -8.29 -4.30 9.38
N ILE B 221 -7.61 -5.31 8.87
CA ILE B 221 -7.06 -6.37 9.73
C ILE B 221 -6.16 -5.82 10.84
N SER B 222 -5.45 -4.74 10.56
CA SER B 222 -4.58 -4.13 11.54
C SER B 222 -5.34 -3.22 12.52
N LYS B 223 -6.63 -3.00 12.29
CA LYS B 223 -7.45 -2.17 13.20
C LYS B 223 -7.96 -2.93 14.44
N ALA B 224 -8.00 -4.25 14.39
CA ALA B 224 -8.37 -5.04 15.55
C ALA B 224 -7.31 -4.89 16.64
N PRO B 225 -7.71 -5.09 17.92
CA PRO B 225 -6.67 -5.14 18.93
C PRO B 225 -5.66 -6.26 18.67
N LEU B 226 -4.46 -6.11 19.21
CA LEU B 226 -3.35 -7.02 18.94
C LEU B 226 -3.62 -8.47 19.39
N SER B 227 -4.48 -8.63 20.39
CA SER B 227 -4.81 -9.95 20.92
C SER B 227 -5.93 -10.66 20.13
N THR B 228 -6.59 -9.95 19.22
CA THR B 228 -7.73 -10.52 18.49
C THR B 228 -7.25 -11.56 17.48
N PRO B 229 -7.69 -12.83 17.62
CA PRO B 229 -7.32 -13.82 16.60
C PRO B 229 -7.88 -13.48 15.22
N ARG B 230 -7.21 -13.98 14.19
CA ARG B 230 -7.61 -13.73 12.81
C ARG B 230 -7.49 -15.01 11.99
N LEU B 231 -8.60 -15.41 11.41
CA LEU B 231 -8.65 -16.64 10.63
C LEU B 231 -8.89 -16.30 9.16
N LEU B 232 -8.02 -16.81 8.32
CA LEU B 232 -8.13 -16.66 6.88
C LEU B 232 -8.63 -17.98 6.29
N ILE B 233 -9.72 -17.90 5.55
CA ILE B 233 -10.18 -19.01 4.72
C ILE B 233 -10.10 -18.56 3.28
N ASN B 234 -9.19 -19.15 2.53
CA ASN B 234 -8.85 -18.67 1.20
C ASN B 234 -8.05 -19.71 0.45
N LYS B 235 -8.08 -19.67 -0.87
CA LYS B 235 -7.30 -20.63 -1.68
C LYS B 235 -5.81 -20.52 -1.43
N GLU B 236 -5.34 -19.29 -1.24
CA GLU B 236 -3.92 -19.02 -1.07
C GLU B 236 -3.75 -18.17 0.16
N LYS B 237 -2.55 -18.18 0.71
CA LYS B 237 -2.21 -17.24 1.77
C LYS B 237 -2.28 -15.81 1.26
N ALA B 238 -2.71 -14.90 2.14
CA ALA B 238 -2.85 -13.49 1.79
C ALA B 238 -2.51 -12.70 3.02
N GLY B 239 -1.80 -11.59 2.83
CA GLY B 239 -1.44 -10.69 3.93
C GLY B 239 -0.08 -10.95 4.56
N GLN B 240 0.66 -11.93 4.05
CA GLN B 240 1.94 -12.33 4.65
C GLN B 240 3.09 -12.28 3.64
N SER B 241 4.07 -11.44 3.91
CA SER B 241 5.32 -11.47 3.15
C SER B 241 6.41 -10.72 3.89
N ASP B 242 7.64 -10.83 3.39
CA ASP B 242 8.71 -9.97 3.82
C ASP B 242 8.49 -8.59 3.16
N PRO B 243 9.20 -7.56 3.63
CA PRO B 243 9.14 -6.26 2.95
C PRO B 243 9.58 -6.36 1.49
N PHE B 244 8.69 -6.04 0.56
CA PHE B 244 9.05 -5.90 -0.86
C PHE B 244 8.50 -4.62 -1.45
N LEU B 245 9.26 -4.02 -2.36
CA LEU B 245 8.92 -2.71 -2.89
C LEU B 245 7.60 -2.80 -3.64
N GLY B 246 6.65 -1.94 -3.26
CA GLY B 246 5.36 -1.91 -3.95
C GLY B 246 4.29 -2.76 -3.27
N MET B 247 4.63 -3.37 -2.13
CA MET B 247 3.68 -4.17 -1.38
C MET B 247 2.49 -3.32 -0.92
N ILE B 248 1.33 -3.97 -0.82
CA ILE B 248 0.10 -3.25 -0.50
C ILE B 248 -0.03 -2.97 0.98
N MET B 249 0.33 -3.95 1.80
CA MET B 249 0.27 -3.84 3.26
C MET B 249 1.32 -2.89 3.79
N GLY B 250 0.93 -2.07 4.75
CA GLY B 250 1.89 -1.31 5.53
C GLY B 250 2.80 -2.26 6.29
N LEU B 251 3.99 -1.78 6.61
CA LEU B 251 4.99 -2.58 7.31
C LEU B 251 4.43 -3.02 8.66
N GLY B 252 4.41 -4.33 8.90
CA GLY B 252 3.87 -4.90 10.14
C GLY B 252 2.36 -4.87 10.26
N GLY B 253 1.65 -4.48 9.19
CA GLY B 253 0.19 -4.43 9.19
C GLY B 253 -0.42 -5.69 8.62
N GLY B 254 0.42 -6.67 8.33
CA GLY B 254 0.00 -7.94 7.72
C GLY B 254 -0.35 -9.05 8.70
N MET B 255 -0.45 -10.25 8.14
CA MET B 255 -0.70 -11.46 8.89
C MET B 255 0.62 -12.18 9.15
N ASP B 256 0.73 -12.79 10.33
CA ASP B 256 1.87 -13.65 10.63
C ASP B 256 1.40 -15.06 10.99
N PHE B 257 1.32 -15.91 9.95
CA PHE B 257 0.97 -17.31 10.12
C PHE B 257 2.16 -18.16 10.52
N ASP B 258 3.28 -17.99 9.82
CA ASP B 258 4.35 -19.00 9.82
C ASP B 258 5.65 -18.66 10.55
N SER B 259 5.80 -17.43 11.02
CA SER B 259 7.04 -17.06 11.71
C SER B 259 7.11 -17.71 13.09
N LYS B 260 8.30 -17.69 13.68
CA LYS B 260 8.51 -18.22 15.01
C LYS B 260 7.75 -17.43 16.09
N LYS B 261 7.46 -16.16 15.81
CA LYS B 261 6.66 -15.31 16.71
C LYS B 261 5.15 -15.37 16.47
N ALA B 262 4.71 -16.25 15.56
CA ALA B 262 3.30 -16.36 15.21
C ALA B 262 2.50 -16.73 16.45
N TYR B 263 1.46 -15.94 16.74
CA TYR B 263 0.68 -16.13 17.98
C TYR B 263 -0.86 -16.07 17.86
N ARG B 264 -1.39 -15.60 16.73
CA ARG B 264 -2.86 -15.37 16.62
C ARG B 264 -3.52 -15.52 15.24
N ASP B 265 -2.71 -15.72 14.19
CA ASP B 265 -3.24 -15.82 12.83
C ASP B 265 -3.22 -17.25 12.36
N VAL B 266 -4.33 -17.64 11.73
CA VAL B 266 -4.53 -18.99 11.22
C VAL B 266 -4.98 -18.87 9.77
N ALA B 267 -4.34 -19.66 8.90
CA ALA B 267 -4.73 -19.76 7.50
C ALA B 267 -5.20 -21.15 7.18
N TRP B 268 -6.48 -21.29 6.82
CA TRP B 268 -7.01 -22.53 6.27
C TRP B 268 -7.07 -22.38 4.76
N LEU B 269 -6.22 -23.14 4.07
CA LEU B 269 -6.10 -23.05 2.64
C LEU B 269 -7.01 -24.04 1.95
N GLY B 270 -7.82 -23.52 1.05
CA GLY B 270 -8.81 -24.30 0.34
C GLY B 270 -9.97 -23.41 -0.08
N GLU B 271 -11.06 -24.06 -0.48
CA GLU B 271 -12.29 -23.40 -0.91
C GLU B 271 -13.02 -22.78 0.26
N CYS B 272 -13.54 -21.56 0.05
CA CYS B 272 -14.29 -20.84 1.08
C CYS B 272 -15.49 -21.67 1.57
N ASP B 273 -16.19 -22.30 0.62
CA ASP B 273 -17.33 -23.14 0.95
C ASP B 273 -16.97 -24.29 1.89
N GLN B 274 -15.94 -25.04 1.53
CA GLN B 274 -15.54 -26.19 2.34
C GLN B 274 -14.96 -25.73 3.67
N GLY B 275 -14.24 -24.61 3.66
CA GLY B 275 -13.72 -24.04 4.90
C GLY B 275 -14.80 -23.79 5.93
N CYS B 276 -15.88 -23.17 5.49
CA CYS B 276 -16.97 -22.77 6.37
C CYS B 276 -17.71 -24.01 6.88
N LEU B 277 -17.92 -24.99 6.01
CA LEU B 277 -18.45 -26.31 6.40
C LEU B 277 -17.60 -27.00 7.48
N ALA B 278 -16.29 -26.99 7.29
CA ALA B 278 -15.37 -27.57 8.25
C ALA B 278 -15.46 -26.85 9.62
N LEU B 279 -15.61 -25.53 9.59
CA LEU B 279 -15.74 -24.78 10.83
C LEU B 279 -17.13 -25.01 11.45
N ALA B 280 -18.16 -25.01 10.61
CA ALA B 280 -19.51 -25.25 11.07
C ALA B 280 -19.58 -26.62 11.78
N GLU B 281 -19.02 -27.63 11.13
CA GLU B 281 -18.83 -28.97 11.69
C GLU B 281 -18.26 -28.90 13.12
N LEU B 282 -17.09 -28.28 13.26
CA LEU B 282 -16.40 -28.22 14.56
C LEU B 282 -17.22 -27.49 15.64
N LEU B 283 -18.13 -26.61 15.22
CA LEU B 283 -19.01 -25.89 16.14
C LEU B 283 -20.36 -26.61 16.34
N GLY B 284 -20.49 -27.78 15.73
CA GLY B 284 -21.75 -28.53 15.72
C GLY B 284 -22.88 -27.90 14.93
N TRP B 285 -22.59 -27.01 13.98
CA TRP B 285 -23.65 -26.35 13.19
C TRP B 285 -23.85 -26.93 11.80
N LYS B 286 -23.13 -27.99 11.47
CA LYS B 286 -23.03 -28.44 10.07
C LYS B 286 -24.37 -28.81 9.44
N LYS B 287 -25.18 -29.59 10.16
CA LYS B 287 -26.51 -29.95 9.69
C LYS B 287 -27.37 -28.70 9.50
N GLU B 288 -27.33 -27.81 10.48
CA GLU B 288 -28.13 -26.58 10.44
C GLU B 288 -27.81 -25.72 9.23
N LEU B 289 -26.52 -25.53 8.97
CA LEU B 289 -26.05 -24.80 7.79
C LEU B 289 -26.52 -25.46 6.50
N GLU B 290 -26.31 -26.77 6.39
CA GLU B 290 -26.74 -27.53 5.21
C GLU B 290 -28.25 -27.41 4.96
N ASP B 291 -29.03 -27.47 6.03
CA ASP B 291 -30.48 -27.23 5.93
C ASP B 291 -30.81 -25.82 5.40
N LEU B 292 -30.20 -24.80 6.00
CA LEU B 292 -30.37 -23.41 5.56
C LEU B 292 -30.04 -23.23 4.06
N VAL B 293 -28.90 -23.75 3.63
CA VAL B 293 -28.46 -23.65 2.23
C VAL B 293 -29.47 -24.27 1.27
N ARG B 294 -29.85 -25.51 1.56
CA ARG B 294 -30.80 -26.26 0.74
C ARG B 294 -32.14 -25.52 0.60
N ARG B 295 -32.70 -25.07 1.72
CA ARG B 295 -33.98 -24.36 1.72
C ARG B 295 -33.89 -23.03 0.95
N GLU B 296 -32.84 -22.26 1.22
CA GLU B 296 -32.64 -20.99 0.52
C GLU B 296 -32.41 -21.19 -0.99
N HIS B 297 -31.64 -22.22 -1.36
CA HIS B 297 -31.41 -22.52 -2.79
C HIS B 297 -32.68 -23.02 -3.47
N ALA B 298 -33.46 -23.83 -2.76
CA ALA B 298 -34.78 -24.25 -3.24
C ALA B 298 -35.68 -23.03 -3.42
N SER B 299 -35.71 -22.15 -2.42
CA SER B 299 -36.53 -20.94 -2.46
C SER B 299 -36.23 -20.08 -3.69
N ILE B 300 -34.93 -19.91 -4.00
CA ILE B 300 -34.51 -19.14 -5.17
C ILE B 300 -34.92 -19.83 -6.48
N ASP B 301 -34.64 -21.13 -6.58
CA ASP B 301 -35.05 -21.94 -7.74
C ASP B 301 -36.54 -21.73 -8.06
N ALA B 302 -37.37 -21.65 -7.03
CA ALA B 302 -38.82 -21.46 -7.18
C ALA B 302 -39.22 -20.06 -7.71
N GLN B 303 -38.22 -19.21 -7.96
CA GLN B 303 -38.40 -17.92 -8.63
C GLN B 303 -39.59 -17.14 -8.10
ZN ZN C . 22.66 -17.82 -11.97
N1 AR6 D . 13.50 20.25 -2.80
C2 AR6 D . 12.45 19.76 -2.14
N3 AR6 D . 11.63 18.83 -2.67
C4 AR6 D . 11.86 18.34 -3.92
C5 AR6 D . 13.00 18.82 -4.70
C6 AR6 D . 13.84 19.83 -4.04
N6 AR6 D . 14.92 20.34 -4.66
N7 AR6 D . 12.97 18.18 -5.89
C8 AR6 D . 11.90 17.34 -5.87
N9 AR6 D . 11.23 17.46 -4.69
PA AR6 D . 9.60 11.02 -5.95
PB AR6 D . 10.92 9.24 -4.13
C1' AR6 D . 10.07 16.71 -4.22
O1A AR6 D . 10.02 11.65 -7.24
O1B AR6 D . 12.39 9.12 -3.73
C1D AR6 D . 10.68 4.93 -7.18
O1D AR6 D . 10.00 3.89 -7.88
C2' AR6 D . 8.94 16.38 -5.16
O2' AR6 D . 7.95 17.39 -5.03
O2A AR6 D . 8.33 10.17 -5.90
O2B AR6 D . 9.90 9.62 -3.08
C2D AR6 D . 12.01 4.48 -6.60
O2D AR6 D . 11.85 3.14 -6.09
C3' AR6 D . 8.49 15.01 -4.66
O3' AR6 D . 7.58 15.11 -3.59
O3A AR6 D . 10.87 10.25 -5.38
C3D AR6 D . 12.20 5.46 -5.48
O3D AR6 D . 13.22 5.08 -4.55
C4' AR6 D . 9.72 14.39 -4.03
O4' AR6 D . 10.66 15.46 -3.90
C4D AR6 D . 10.81 5.44 -4.89
O4D AR6 D . 9.92 5.33 -6.04
C5' AR6 D . 10.33 13.29 -4.87
O5' AR6 D . 9.41 12.19 -4.88
C5D AR6 D . 10.54 6.65 -4.02
O5D AR6 D . 10.52 7.86 -4.81
C1 4I5 E . 16.08 2.19 -8.27
N1 4I5 E . 18.76 9.77 -6.61
O1 4I5 E . 19.27 7.58 -6.46
CL1 4I5 E . 15.90 0.71 -9.16
C2 4I5 E . 15.62 2.26 -6.96
N2 4I5 E . 16.33 5.88 -6.47
C3 4I5 E . 15.67 3.46 -6.28
C4 4I5 E . 16.20 4.57 -6.92
C5 4I5 E . 16.69 4.51 -8.22
C6 4I5 E . 16.63 3.29 -8.90
C7 4I5 E . 17.16 5.84 -8.56
C8 4I5 E . 16.90 6.63 -7.49
C9 4I5 E . 17.07 8.13 -7.29
C10 4I5 E . 16.72 8.91 -8.58
C11 4I5 E . 17.62 8.71 -9.79
C12 4I5 E . 17.38 7.44 -10.56
C13 4I5 E . 17.84 6.15 -9.87
C14 4I5 E . 18.48 8.49 -6.77
C1 4I5 F . 20.41 3.57 -13.24
N1 4I5 F . 25.08 8.33 -12.31
O1 4I5 F . 26.21 8.57 -10.38
CL1 4I5 F . 18.90 3.07 -13.94
C2 4I5 F . 21.39 2.63 -13.03
N2 4I5 F . 23.76 4.93 -11.29
C3 4I5 F . 22.57 3.00 -12.40
C4 4I5 F . 22.72 4.32 -11.99
C5 4I5 F . 21.74 5.28 -12.22
C6 4I5 F . 20.56 4.90 -12.86
C7 4I5 F . 22.22 6.51 -11.66
C8 4I5 F . 23.42 6.25 -11.09
C9 4I5 F . 24.30 7.17 -10.26
C10 4I5 F . 23.44 8.01 -9.30
C11 4I5 F . 22.58 9.10 -9.92
C12 4I5 F . 21.29 8.61 -10.52
C13 4I5 F . 21.48 7.82 -11.81
C14 4I5 F . 25.28 8.08 -11.03
ZN ZN G . -24.61 16.82 -12.45
N1 AR6 H . -12.27 -20.35 -2.47
C2 AR6 H . -11.24 -19.80 -1.77
N3 AR6 H . -10.50 -18.77 -2.24
C4 AR6 H . -10.80 -18.24 -3.46
C5 AR6 H . -11.89 -18.78 -4.26
C6 AR6 H . -12.63 -19.91 -3.69
N6 AR6 H . -13.65 -20.46 -4.40
N7 AR6 H . -11.94 -18.07 -5.39
C8 AR6 H . -10.94 -17.14 -5.34
N9 AR6 H . -10.27 -17.27 -4.20
PA AR6 H . -9.16 -10.82 -5.82
PB AR6 H . -10.67 -9.05 -4.17
C1' AR6 H . -9.18 -16.42 -3.69
O1A AR6 H . -9.49 -11.53 -7.10
O1B AR6 H . -12.12 -8.96 -3.83
C1D AR6 H . -10.62 -4.80 -7.33
O1D AR6 H . -9.98 -3.68 -7.95
C2' AR6 H . -8.06 -16.05 -4.64
O2' AR6 H . -6.96 -16.95 -4.53
O2A AR6 H . -7.94 -9.92 -5.72
O2B AR6 H . -9.64 -9.30 -3.08
C2D AR6 H . -11.99 -4.45 -6.77
O2D AR6 H . -11.94 -3.13 -6.27
C3' AR6 H . -7.73 -14.65 -4.19
O3' AR6 H . -6.77 -14.65 -3.10
O3A AR6 H . -10.50 -10.07 -5.38
C3D AR6 H . -12.16 -5.45 -5.64
O3D AR6 H . -13.23 -5.13 -4.75
C4' AR6 H . -9.03 -14.08 -3.67
O4' AR6 H . -9.88 -15.19 -3.38
C4D AR6 H . -10.77 -5.34 -5.05
O4D AR6 H . -9.87 -5.24 -6.18
C5' AR6 H . -9.71 -13.13 -4.65
O5' AR6 H . -8.99 -11.90 -4.65
C5D AR6 H . -10.35 -6.49 -4.14
O5D AR6 H . -10.31 -7.67 -4.91
C1 4I5 I . -16.17 -2.64 -8.54
N1 4I5 I . -18.26 -10.34 -6.69
O1 4I5 I . -18.97 -8.20 -6.68
CL1 4I5 I . -16.06 -1.17 -9.47
C2 4I5 I . -15.76 -2.62 -7.23
N2 4I5 I . -16.21 -6.27 -6.64
C3 4I5 I . -15.76 -3.80 -6.49
C4 4I5 I . -16.18 -4.97 -7.12
C5 4I5 I . -16.64 -4.99 -8.44
C6 4I5 I . -16.63 -3.78 -9.16
C7 4I5 I . -16.98 -6.35 -8.76
C8 4I5 I . -16.67 -7.08 -7.66
C9 4I5 I . -16.73 -8.58 -7.42
C10 4I5 I . -16.28 -9.37 -8.66
C11 4I5 I . -17.14 -9.29 -9.91
C12 4I5 I . -17.00 -8.01 -10.72
C13 4I5 I . -17.58 -6.76 -10.08
C14 4I5 I . -18.09 -9.04 -6.91
C1 4I5 J . -20.47 -4.32 -13.54
N1 4I5 J . -24.75 -9.37 -12.51
O1 4I5 J . -25.49 -10.02 -10.48
CL1 4I5 J . -19.01 -3.63 -14.19
C2 4I5 J . -21.58 -3.52 -13.38
N2 4I5 J . -23.61 -6.06 -11.57
C3 4I5 J . -22.71 -4.04 -12.75
C4 4I5 J . -22.68 -5.35 -12.30
C5 4I5 J . -21.57 -6.17 -12.50
C6 4I5 J . -20.45 -5.65 -13.14
C7 4I5 J . -21.87 -7.44 -11.90
C8 4I5 J . -23.10 -7.32 -11.32
C9 4I5 J . -23.84 -8.30 -10.44
C10 4I5 J . -22.86 -9.06 -9.52
C11 4I5 J . -21.92 -10.04 -10.18
C12 4I5 J . -20.70 -9.41 -10.78
C13 4I5 J . -20.99 -8.64 -12.05
C14 4I5 J . -24.77 -9.30 -11.18
#